data_3ZGY
#
_entry.id   3ZGY
#
_cell.length_a   203.410
_cell.length_b   131.110
_cell.length_c   77.480
_cell.angle_alpha   90.00
_cell.angle_beta   107.22
_cell.angle_gamma   90.00
#
_symmetry.space_group_name_H-M   'C 1 2 1'
#
loop_
_entity.id
_entity.type
_entity.pdbx_description
1 polymer 'R-IMINE REDUCTASE'
2 water water
#
_entity_poly.entity_id   1
_entity_poly.type   'polypeptide(L)'
_entity_poly.pdbx_seq_one_letter_code
;MPDNPSTKGRMMRNQQAEHTPVTVIGLGLMGQALAGAFLGAGHPTTVWNRTAAKAEPLVARGAKSAGSVAEAVAASPLVV
VCVSDYDAVHALLDPLDGTALQGRTLVNLTSGTSAQARERAAWADGRGADYLDGAILAGPAAIGTADAVVLLSGPRSAFD
PHASALGGLGAGTTYLGADHGLASLYDAAGLVMMWSILNGFLQGAALLGTAGVDATTFAPFITQGIGTVADWLPGYARQI
DDGAYPADDAAIDTHLATMEHLIHESEFLGVNAELPRFIKALADRAVADGHGGSGYPALIEQFRTHSGK
;
_entity_poly.pdbx_strand_id   A,B,C,D
#
# COMPACT_ATOMS: atom_id res chain seq x y z
N HIS A 19 6.51 38.49 -9.73
CA HIS A 19 7.97 38.62 -9.40
C HIS A 19 8.21 39.61 -8.27
N THR A 20 7.60 39.34 -7.10
CA THR A 20 7.90 40.08 -5.82
C THR A 20 8.34 39.16 -4.65
N PRO A 21 9.24 39.63 -3.80
CA PRO A 21 9.96 38.68 -2.96
C PRO A 21 9.16 38.13 -1.79
N VAL A 22 9.38 36.84 -1.49
CA VAL A 22 8.73 36.15 -0.38
C VAL A 22 9.69 35.21 0.35
N THR A 23 9.61 35.18 1.67
CA THR A 23 10.39 34.27 2.50
C THR A 23 9.53 33.09 2.98
N VAL A 24 10.15 31.92 3.09
CA VAL A 24 9.49 30.73 3.62
C VAL A 24 10.33 30.18 4.77
N ILE A 25 9.72 30.06 5.94
CA ILE A 25 10.41 29.64 7.12
C ILE A 25 9.84 28.32 7.57
N GLY A 26 10.71 27.32 7.65
CA GLY A 26 10.34 25.95 8.00
C GLY A 26 10.27 25.16 6.74
N LEU A 27 11.07 24.09 6.66
CA LEU A 27 11.17 23.26 5.44
C LEU A 27 10.93 21.79 5.73
N GLY A 28 9.84 21.50 6.42
CA GLY A 28 9.34 20.13 6.46
C GLY A 28 8.84 19.84 5.06
N LEU A 29 8.11 18.75 4.89
CA LEU A 29 7.63 18.37 3.56
C LEU A 29 6.85 19.58 3.00
N MET A 30 5.95 20.09 3.84
CA MET A 30 5.09 21.22 3.49
C MET A 30 5.86 22.53 3.24
N GLY A 31 6.84 22.85 4.06
CA GLY A 31 7.63 24.05 3.83
C GLY A 31 8.27 24.05 2.47
N GLN A 32 8.88 22.92 2.12
CA GLN A 32 9.49 22.77 0.79
C GLN A 32 8.48 22.95 -0.32
N ALA A 33 7.32 22.29 -0.20
CA ALA A 33 6.23 22.50 -1.16
C ALA A 33 5.81 23.97 -1.30
N LEU A 34 5.70 24.68 -0.19
CA LEU A 34 5.29 26.06 -0.24
C LEU A 34 6.35 26.88 -0.97
N ALA A 35 7.61 26.71 -0.58
CA ALA A 35 8.71 27.43 -1.24
C ALA A 35 8.78 27.10 -2.73
N GLY A 36 8.50 25.83 -3.05
CA GLY A 36 8.45 25.36 -4.42
C GLY A 36 7.49 26.18 -5.23
N ALA A 37 6.25 26.25 -4.75
CA ALA A 37 5.22 27.01 -5.47
C ALA A 37 5.60 28.47 -5.67
N PHE A 38 6.25 29.09 -4.70
CA PHE A 38 6.58 30.50 -4.85
C PHE A 38 7.66 30.70 -5.90
N LEU A 39 8.68 29.83 -5.90
CA LEU A 39 9.72 29.84 -6.96
C LEU A 39 9.11 29.57 -8.33
N GLY A 40 8.34 28.51 -8.42
CA GLY A 40 7.64 28.15 -9.65
C GLY A 40 6.72 29.21 -10.22
N ALA A 41 6.30 30.17 -9.41
CA ALA A 41 5.45 31.23 -9.92
C ALA A 41 6.30 32.47 -10.18
N GLY A 42 7.62 32.32 -10.11
CA GLY A 42 8.52 33.43 -10.44
C GLY A 42 8.67 34.45 -9.33
N HIS A 43 8.76 33.98 -8.09
CA HIS A 43 9.04 34.88 -6.98
C HIS A 43 10.48 34.71 -6.58
N PRO A 44 11.18 35.82 -6.36
CA PRO A 44 12.49 35.74 -5.67
C PRO A 44 12.31 35.29 -4.22
N THR A 45 12.67 34.03 -3.97
CA THR A 45 12.28 33.33 -2.79
C THR A 45 13.48 33.06 -1.89
N THR A 46 13.43 33.57 -0.67
CA THR A 46 14.38 33.23 0.37
C THR A 46 13.83 32.20 1.36
N VAL A 47 14.71 31.41 1.95
CA VAL A 47 14.33 30.21 2.65
C VAL A 47 15.21 29.98 3.91
N TRP A 48 14.66 29.33 4.94
CA TRP A 48 15.39 29.01 6.16
C TRP A 48 14.88 27.76 6.84
N ASN A 49 15.79 26.96 7.41
CA ASN A 49 15.43 25.71 8.13
C ASN A 49 16.36 25.38 9.31
N ARG A 50 15.77 24.78 10.36
CA ARG A 50 16.49 24.26 11.55
C ARG A 50 17.74 23.51 11.08
N THR A 51 17.57 22.50 10.25
CA THR A 51 18.71 21.87 9.62
C THR A 51 18.82 22.31 8.16
N ALA A 52 19.86 23.03 7.81
CA ALA A 52 20.02 23.48 6.43
C ALA A 52 19.81 22.35 5.43
N ALA A 53 19.63 22.71 4.16
CA ALA A 53 19.23 21.83 3.06
C ALA A 53 17.72 21.82 2.81
N PRO A 57 18.29 21.87 -2.46
CA PRO A 57 17.42 21.57 -3.60
C PRO A 57 16.70 22.81 -4.03
N LEU A 58 15.79 23.29 -3.20
CA LEU A 58 15.16 24.56 -3.53
C LEU A 58 16.21 25.52 -4.00
N VAL A 59 17.37 25.49 -3.37
CA VAL A 59 18.43 26.41 -3.80
C VAL A 59 18.99 25.98 -5.16
N ALA A 60 18.87 24.68 -5.46
CA ALA A 60 19.15 24.19 -6.80
C ALA A 60 18.21 24.82 -7.83
N ARG A 61 16.89 24.78 -7.57
CA ARG A 61 15.92 25.46 -8.46
C ARG A 61 15.99 27.05 -8.40
N GLY A 62 16.85 27.68 -7.58
CA GLY A 62 16.99 29.16 -7.59
C GLY A 62 16.73 29.96 -6.30
N ALA A 63 16.37 29.27 -5.22
CA ALA A 63 16.14 29.96 -3.95
C ALA A 63 17.44 30.49 -3.33
N LYS A 64 17.37 31.54 -2.52
CA LYS A 64 18.51 32.01 -1.76
C LYS A 64 18.32 31.35 -0.38
N SER A 65 19.32 30.63 0.12
CA SER A 65 19.23 30.04 1.47
C SER A 65 19.84 31.05 2.41
N ALA A 66 19.36 31.10 3.64
CA ALA A 66 19.60 32.26 4.53
C ALA A 66 20.35 31.89 5.81
N GLY A 67 21.17 32.83 6.28
CA GLY A 67 22.06 32.57 7.40
C GLY A 67 21.33 32.26 8.68
N SER A 68 20.27 33.03 8.92
CA SER A 68 19.51 32.97 10.15
C SER A 68 18.05 33.32 9.86
N VAL A 69 17.21 33.18 10.88
CA VAL A 69 15.82 33.62 10.79
C VAL A 69 15.73 35.14 10.54
N ALA A 70 16.56 35.92 11.23
CA ALA A 70 16.51 37.36 11.04
C ALA A 70 16.85 37.74 9.61
N GLU A 71 17.78 36.99 9.02
CA GLU A 71 18.23 37.22 7.66
C GLU A 71 17.05 36.94 6.72
N ALA A 72 16.39 35.83 6.96
CA ALA A 72 15.20 35.44 6.16
C ALA A 72 14.06 36.46 6.23
N VAL A 73 13.78 36.95 7.43
CA VAL A 73 12.73 37.96 7.61
C VAL A 73 13.08 39.27 6.89
N ALA A 74 14.32 39.74 7.05
CA ALA A 74 14.80 40.99 6.39
C ALA A 74 14.75 40.94 4.86
N ALA A 75 14.78 39.73 4.30
CA ALA A 75 14.79 39.55 2.86
C ALA A 75 13.54 39.99 2.11
N SER A 76 12.35 39.87 2.70
CA SER A 76 11.13 40.03 1.90
C SER A 76 10.05 40.80 2.67
N PRO A 77 9.19 41.53 1.96
CA PRO A 77 8.04 42.13 2.64
C PRO A 77 6.92 41.12 3.03
N LEU A 78 6.92 39.92 2.43
CA LEU A 78 5.95 38.87 2.73
C LEU A 78 6.67 37.69 3.32
N VAL A 79 6.31 37.27 4.54
CA VAL A 79 7.03 36.18 5.24
C VAL A 79 6.10 35.04 5.58
N VAL A 80 6.36 33.85 5.07
CA VAL A 80 5.46 32.73 5.27
C VAL A 80 6.08 31.74 6.20
N VAL A 81 5.31 31.27 7.18
CA VAL A 81 5.85 30.40 8.21
C VAL A 81 5.08 29.12 8.23
N CYS A 82 5.82 28.01 8.15
CA CYS A 82 5.20 26.70 8.25
C CYS A 82 6.11 25.78 9.02
N VAL A 83 5.76 25.53 10.28
CA VAL A 83 6.55 24.71 11.17
C VAL A 83 5.62 23.82 11.97
N SER A 84 6.18 23.00 12.85
CA SER A 84 5.36 21.88 13.36
C SER A 84 4.19 22.36 14.24
N ASP A 85 4.40 23.41 15.05
CA ASP A 85 3.35 23.93 15.92
C ASP A 85 3.66 25.36 16.41
N TYR A 86 2.75 25.96 17.19
CA TYR A 86 2.93 27.37 17.59
C TYR A 86 4.12 27.56 18.59
N ASP A 87 4.46 26.50 19.32
CA ASP A 87 5.66 26.54 20.19
C ASP A 87 6.90 26.79 19.38
N ALA A 88 7.00 26.14 18.22
CA ALA A 88 8.11 26.44 17.30
C ALA A 88 8.02 27.86 16.77
N VAL A 89 6.78 28.33 16.46
CA VAL A 89 6.63 29.68 15.92
C VAL A 89 7.15 30.64 16.99
N HIS A 90 6.73 30.40 18.23
CA HIS A 90 7.24 31.17 19.37
C HIS A 90 8.75 31.18 19.39
N ALA A 91 9.33 29.99 19.27
CA ALA A 91 10.77 29.84 19.43
C ALA A 91 11.57 30.55 18.33
N LEU A 92 11.03 30.59 17.11
CA LEU A 92 11.74 31.20 16.03
C LEU A 92 11.50 32.66 15.97
N LEU A 93 10.31 33.13 16.33
CA LEU A 93 9.95 34.53 16.07
C LEU A 93 10.08 35.45 17.27
N ASP A 94 9.81 34.94 18.47
CA ASP A 94 9.85 35.81 19.68
C ASP A 94 11.21 36.49 19.88
N PRO A 95 12.33 35.75 19.69
CA PRO A 95 13.63 36.41 19.85
C PRO A 95 13.99 37.51 18.87
N LEU A 96 13.18 37.80 17.86
CA LEU A 96 13.56 38.82 16.89
C LEU A 96 13.56 40.23 17.49
N ASP A 97 14.51 41.09 17.07
CA ASP A 97 14.48 42.54 17.36
C ASP A 97 13.07 43.13 17.00
N GLY A 98 12.66 44.13 17.79
CA GLY A 98 11.31 44.71 17.70
C GLY A 98 11.09 45.42 16.40
N THR A 99 12.18 45.78 15.73
CA THR A 99 12.11 46.43 14.41
C THR A 99 11.95 45.44 13.24
N ALA A 100 12.42 44.19 13.42
CA ALA A 100 12.50 43.20 12.32
C ALA A 100 11.25 42.98 11.46
N LEU A 101 10.06 43.03 12.07
CA LEU A 101 8.84 42.76 11.33
C LEU A 101 8.07 44.02 10.92
N GLN A 102 8.53 45.20 11.34
CA GLN A 102 7.84 46.44 10.98
C GLN A 102 7.58 46.56 9.50
N GLY A 103 6.30 46.78 9.17
CA GLY A 103 5.87 46.99 7.82
C GLY A 103 5.95 45.73 6.99
N ARG A 104 5.97 44.57 7.60
CA ARG A 104 5.95 43.33 6.83
C ARG A 104 4.66 42.61 7.07
N THR A 105 4.33 41.68 6.19
CA THR A 105 3.17 40.86 6.36
C THR A 105 3.66 39.49 6.65
N LEU A 106 3.15 38.96 7.75
CA LEU A 106 3.48 37.62 8.19
C LEU A 106 2.29 36.75 7.96
N VAL A 107 2.49 35.65 7.26
CA VAL A 107 1.45 34.65 7.03
C VAL A 107 1.82 33.35 7.70
N ASN A 108 1.03 32.92 8.66
CA ASN A 108 1.39 31.78 9.46
C ASN A 108 0.47 30.61 9.15
N LEU A 109 0.97 29.71 8.34
CA LEU A 109 0.23 28.56 7.91
C LEU A 109 0.40 27.32 8.79
N THR A 110 1.12 27.46 9.90
CA THR A 110 1.19 26.41 10.92
C THR A 110 -0.20 26.10 11.48
N SER A 111 -0.43 24.83 11.75
CA SER A 111 -1.68 24.41 12.41
C SER A 111 -1.67 24.62 13.91
N GLY A 112 -2.77 25.12 14.46
CA GLY A 112 -2.91 25.34 15.89
C GLY A 112 -4.30 25.69 16.32
N THR A 113 -4.50 26.11 17.54
CA THR A 113 -5.83 26.49 17.94
C THR A 113 -6.10 27.94 17.65
N SER A 114 -7.39 28.27 17.67
CA SER A 114 -7.81 29.65 17.50
C SER A 114 -7.13 30.55 18.53
N ALA A 115 -6.91 30.06 19.75
CA ALA A 115 -6.31 30.93 20.78
C ALA A 115 -4.90 31.21 20.41
N GLN A 116 -4.24 30.22 19.83
CA GLN A 116 -2.86 30.46 19.42
C GLN A 116 -2.79 31.47 18.27
N ALA A 117 -3.80 31.42 17.40
CA ALA A 117 -3.85 32.33 16.31
C ALA A 117 -4.11 33.75 16.80
N ARG A 118 -5.06 33.86 17.72
CA ARG A 118 -5.42 35.20 18.18
C ARG A 118 -4.28 35.85 18.97
N GLU A 119 -3.49 35.03 19.68
CA GLU A 119 -2.30 35.53 20.38
C GLU A 119 -1.28 36.05 19.43
N ARG A 120 -0.99 35.27 18.39
CA ARG A 120 0.02 35.74 17.42
C ARG A 120 -0.43 36.99 16.72
N ALA A 121 -1.72 37.07 16.38
CA ALA A 121 -2.24 38.30 15.83
C ALA A 121 -1.96 39.48 16.74
N ALA A 122 -2.26 39.36 18.02
CA ALA A 122 -1.90 40.47 18.93
C ALA A 122 -0.39 40.78 18.96
N TRP A 123 0.40 39.73 19.05
CA TRP A 123 1.84 39.87 19.05
C TRP A 123 2.34 40.55 17.79
N ALA A 124 1.85 40.10 16.66
CA ALA A 124 2.27 40.67 15.38
C ALA A 124 1.88 42.13 15.29
N ASP A 125 0.67 42.46 15.70
CA ASP A 125 0.32 43.85 15.75
C ASP A 125 1.23 44.69 16.65
N GLY A 126 1.57 44.20 17.84
CA GLY A 126 2.52 44.91 18.67
C GLY A 126 3.88 45.12 18.03
N ARG A 127 4.26 44.23 17.13
CA ARG A 127 5.54 44.26 16.44
C ARG A 127 5.46 45.05 15.11
N GLY A 128 4.33 45.74 14.89
CA GLY A 128 4.08 46.49 13.67
C GLY A 128 4.00 45.70 12.39
N ALA A 129 3.45 44.51 12.43
CA ALA A 129 3.27 43.70 11.25
C ALA A 129 1.79 43.43 10.98
N ASP A 130 1.46 43.28 9.73
CA ASP A 130 0.23 42.69 9.35
C ASP A 130 0.35 41.14 9.49
N TYR A 131 -0.74 40.48 9.80
CA TYR A 131 -0.72 39.09 10.14
C TYR A 131 -1.90 38.40 9.57
N LEU A 132 -1.64 37.33 8.81
CA LEU A 132 -2.66 36.36 8.49
C LEU A 132 -2.37 35.05 9.11
N ASP A 133 -3.41 34.42 9.62
CA ASP A 133 -3.29 33.11 10.15
C ASP A 133 -4.00 32.16 9.26
N GLY A 134 -3.32 31.08 8.90
CA GLY A 134 -3.93 30.08 8.05
C GLY A 134 -3.77 28.63 8.46
N ALA A 135 -4.34 27.79 7.60
CA ALA A 135 -4.27 26.33 7.77
C ALA A 135 -4.27 25.64 6.41
N ILE A 136 -3.48 24.57 6.28
CA ILE A 136 -3.37 23.80 5.04
C ILE A 136 -4.16 22.51 5.16
N LEU A 137 -5.17 22.31 4.33
CA LEU A 137 -5.97 21.08 4.37
C LEU A 137 -5.68 20.21 3.14
N ALA A 138 -4.42 19.89 2.92
CA ALA A 138 -4.05 19.12 1.76
C ALA A 138 -2.66 18.65 2.01
N GLY A 139 -2.18 17.71 1.22
CA GLY A 139 -0.79 17.24 1.38
C GLY A 139 0.15 18.14 0.59
N PRO A 140 1.46 18.01 0.83
CA PRO A 140 2.45 18.84 0.14
C PRO A 140 2.34 18.69 -1.35
N ALA A 141 2.14 17.46 -1.81
CA ALA A 141 1.92 17.21 -3.24
C ALA A 141 0.90 18.17 -3.88
N ALA A 142 -0.20 18.49 -3.17
CA ALA A 142 -1.29 19.29 -3.76
C ALA A 142 -0.99 20.78 -3.79
N ILE A 143 0.05 21.23 -3.09
CA ILE A 143 0.41 22.67 -3.10
C ILE A 143 0.72 23.11 -4.53
N GLY A 144 0.21 24.25 -4.92
CA GLY A 144 0.43 24.76 -6.26
C GLY A 144 -0.48 24.13 -7.28
N THR A 145 -1.51 23.40 -6.87
CA THR A 145 -2.47 22.81 -7.78
C THR A 145 -3.92 23.10 -7.40
N ALA A 146 -4.86 22.68 -8.25
CA ALA A 146 -6.26 22.93 -7.96
C ALA A 146 -6.73 22.10 -6.77
N ASP A 147 -5.98 21.05 -6.43
CA ASP A 147 -6.27 20.25 -5.22
C ASP A 147 -5.93 20.91 -3.87
N ALA A 148 -4.95 21.81 -3.86
CA ALA A 148 -4.58 22.54 -2.65
C ALA A 148 -5.78 23.25 -2.07
N VAL A 149 -5.90 23.14 -0.75
CA VAL A 149 -6.82 23.95 0.03
C VAL A 149 -5.98 24.65 1.09
N VAL A 150 -5.99 25.97 1.06
CA VAL A 150 -5.25 26.75 2.00
C VAL A 150 -6.17 27.83 2.50
N LEU A 151 -6.46 27.82 3.80
CA LEU A 151 -7.36 28.77 4.40
C LEU A 151 -6.58 29.92 4.99
N LEU A 152 -7.12 31.14 4.86
CA LEU A 152 -6.46 32.31 5.36
C LEU A 152 -7.44 33.19 6.07
N SER A 153 -7.04 33.80 7.17
CA SER A 153 -7.96 34.66 7.92
C SER A 153 -7.18 35.76 8.56
N GLY A 154 -7.83 36.91 8.72
CA GLY A 154 -7.13 38.15 9.01
C GLY A 154 -7.69 39.34 8.26
N PRO A 155 -7.17 40.54 8.55
CA PRO A 155 -7.81 41.70 7.94
C PRO A 155 -7.46 41.84 6.48
N ARG A 156 -8.38 42.39 5.71
CA ARG A 156 -8.17 42.60 4.28
C ARG A 156 -6.90 43.33 4.00
N SER A 157 -6.56 44.30 4.83
CA SER A 157 -5.35 45.07 4.66
C SER A 157 -4.13 44.21 4.65
N ALA A 158 -4.22 43.05 5.27
CA ALA A 158 -3.10 42.13 5.25
C ALA A 158 -3.18 41.16 4.07
N PHE A 159 -4.38 40.87 3.61
CA PHE A 159 -4.55 39.89 2.56
C PHE A 159 -4.51 40.45 1.14
N ASP A 160 -5.34 41.47 0.87
CA ASP A 160 -5.44 42.09 -0.48
C ASP A 160 -4.07 42.41 -1.13
N PRO A 161 -3.19 43.11 -0.44
CA PRO A 161 -1.92 43.41 -1.08
C PRO A 161 -1.13 42.22 -1.52
N HIS A 162 -1.38 41.02 -0.98
CA HIS A 162 -0.63 39.84 -1.37
C HIS A 162 -1.49 38.73 -1.91
N ALA A 163 -2.72 39.08 -2.29
CA ALA A 163 -3.66 38.12 -2.86
C ALA A 163 -3.05 37.35 -4.04
N SER A 164 -2.38 38.05 -4.95
CA SER A 164 -1.81 37.38 -6.11
C SER A 164 -0.73 36.43 -5.70
N ALA A 165 0.25 36.93 -4.97
CA ALA A 165 1.31 36.04 -4.49
C ALA A 165 0.78 34.74 -3.84
N LEU A 166 -0.19 34.90 -2.94
CA LEU A 166 -0.71 33.80 -2.18
C LEU A 166 -1.54 32.85 -3.02
N GLY A 167 -2.18 33.38 -4.06
CA GLY A 167 -2.94 32.53 -5.01
C GLY A 167 -2.03 31.50 -5.69
N GLY A 168 -0.71 31.81 -5.74
CA GLY A 168 0.31 30.89 -6.22
C GLY A 168 0.29 29.53 -5.58
N LEU A 169 -0.33 29.39 -4.42
CA LEU A 169 -0.36 28.12 -3.70
C LEU A 169 -1.50 27.24 -4.17
N GLY A 170 -2.36 27.76 -5.03
CA GLY A 170 -3.45 26.92 -5.56
C GLY A 170 -4.73 27.69 -5.66
N ALA A 171 -5.63 27.22 -6.50
CA ALA A 171 -6.91 27.89 -6.68
C ALA A 171 -7.78 27.65 -5.46
N GLY A 172 -7.46 26.60 -4.69
CA GLY A 172 -8.17 26.38 -3.44
C GLY A 172 -7.79 27.31 -2.29
N THR A 173 -6.81 28.19 -2.51
CA THR A 173 -6.47 29.24 -1.57
C THR A 173 -7.67 30.16 -1.33
N THR A 174 -8.17 30.22 -0.10
CA THR A 174 -9.36 30.95 0.18
C THR A 174 -9.28 31.82 1.46
N TYR A 175 -9.76 33.05 1.33
CA TYR A 175 -9.77 34.06 2.36
C TYR A 175 -11.08 33.96 3.04
N LEU A 176 -11.06 33.68 4.34
CA LEU A 176 -12.25 33.29 5.06
C LEU A 176 -12.92 34.46 5.76
N GLY A 177 -12.18 35.55 5.98
CA GLY A 177 -12.70 36.69 6.76
C GLY A 177 -11.70 37.27 7.76
N ALA A 178 -12.19 38.20 8.57
CA ALA A 178 -11.34 39.10 9.33
C ALA A 178 -10.72 38.48 10.61
N ASP A 179 -11.54 37.75 11.36
CA ASP A 179 -11.11 37.16 12.61
C ASP A 179 -9.99 36.14 12.33
N HIS A 180 -8.84 36.35 12.97
CA HIS A 180 -7.71 35.48 12.77
C HIS A 180 -7.96 34.05 13.25
N GLY A 181 -8.97 33.85 14.06
CA GLY A 181 -9.22 32.50 14.52
C GLY A 181 -9.90 31.58 13.54
N LEU A 182 -10.43 32.11 12.44
CA LEU A 182 -11.32 31.32 11.59
C LEU A 182 -10.63 30.13 10.92
N ALA A 183 -9.40 30.32 10.44
CA ALA A 183 -8.78 29.22 9.75
C ALA A 183 -8.64 28.00 10.67
N SER A 184 -8.32 28.22 11.94
CA SER A 184 -8.19 27.16 12.95
C SER A 184 -9.51 26.47 13.21
N LEU A 185 -10.57 27.25 13.30
CA LEU A 185 -11.90 26.70 13.43
C LEU A 185 -12.40 25.90 12.24
N TYR A 186 -12.08 26.34 11.04
CA TYR A 186 -12.47 25.57 9.82
C TYR A 186 -11.71 24.29 9.73
N ASP A 187 -10.43 24.36 10.10
CA ASP A 187 -9.59 23.20 10.14
C ASP A 187 -10.14 22.22 11.18
N ALA A 188 -10.50 22.70 12.35
CA ALA A 188 -11.11 21.81 13.32
C ALA A 188 -12.39 21.19 12.78
N ALA A 189 -13.29 21.98 12.18
CA ALA A 189 -14.52 21.37 11.68
C ALA A 189 -14.18 20.25 10.69
N GLY A 190 -13.20 20.50 9.82
CA GLY A 190 -12.84 19.56 8.80
C GLY A 190 -12.24 18.30 9.38
N LEU A 191 -11.32 18.44 10.32
CA LEU A 191 -10.78 17.29 11.04
C LEU A 191 -11.82 16.44 11.78
N VAL A 192 -12.73 17.06 12.52
CA VAL A 192 -13.67 16.25 13.28
C VAL A 192 -14.55 15.50 12.34
N MET A 193 -14.82 16.07 11.18
CA MET A 193 -15.72 15.42 10.21
C MET A 193 -14.93 14.26 9.63
N MET A 194 -13.63 14.49 9.42
CA MET A 194 -12.78 13.48 8.81
C MET A 194 -12.71 12.25 9.72
N TRP A 195 -12.33 12.43 11.00
CA TRP A 195 -12.31 11.33 11.98
C TRP A 195 -13.70 10.71 12.16
N SER A 196 -14.74 11.50 12.06
CA SER A 196 -16.05 10.99 12.17
C SER A 196 -16.35 10.00 11.08
N ILE A 197 -15.93 10.31 9.87
CA ILE A 197 -16.30 9.48 8.70
C ILE A 197 -15.46 8.22 8.72
N LEU A 198 -14.20 8.35 9.10
CA LEU A 198 -13.34 7.21 9.13
C LEU A 198 -13.80 6.25 10.18
N ASN A 199 -14.20 6.77 11.31
CA ASN A 199 -14.70 5.91 12.38
C ASN A 199 -15.99 5.22 11.99
N GLY A 200 -16.90 5.94 11.34
CA GLY A 200 -18.12 5.30 10.86
C GLY A 200 -17.81 4.20 9.88
N PHE A 201 -16.82 4.45 9.03
CA PHE A 201 -16.45 3.50 8.03
C PHE A 201 -15.92 2.25 8.73
N LEU A 202 -15.03 2.44 9.72
CA LEU A 202 -14.44 1.29 10.44
C LEU A 202 -15.50 0.46 11.20
N GLN A 203 -16.44 1.13 11.80
CA GLN A 203 -17.52 0.44 12.45
C GLN A 203 -18.30 -0.40 11.47
N GLY A 204 -18.56 0.14 10.31
CA GLY A 204 -19.31 -0.61 9.26
C GLY A 204 -18.47 -1.79 8.75
N ALA A 205 -17.18 -1.58 8.59
CA ALA A 205 -16.34 -2.64 8.10
C ALA A 205 -16.28 -3.77 9.12
N ALA A 206 -16.16 -3.46 10.37
CA ALA A 206 -16.19 -4.48 11.40
C ALA A 206 -17.51 -5.26 11.40
N LEU A 207 -18.62 -4.56 11.29
CA LEU A 207 -19.89 -5.24 11.26
C LEU A 207 -19.94 -6.20 10.13
N LEU A 208 -19.70 -5.70 8.92
CA LEU A 208 -19.83 -6.55 7.71
C LEU A 208 -18.76 -7.59 7.66
N GLY A 209 -17.63 -7.32 8.29
CA GLY A 209 -16.62 -8.34 8.42
C GLY A 209 -17.12 -9.59 9.10
N THR A 210 -18.08 -9.49 10.01
CA THR A 210 -18.51 -10.65 10.76
C THR A 210 -19.12 -11.72 9.85
N ALA A 211 -19.66 -11.29 8.72
CA ALA A 211 -20.27 -12.19 7.74
C ALA A 211 -19.34 -12.43 6.58
N GLY A 212 -18.08 -12.09 6.72
CA GLY A 212 -17.13 -12.34 5.69
C GLY A 212 -17.17 -11.40 4.52
N VAL A 213 -17.96 -10.32 4.55
CA VAL A 213 -17.80 -9.31 3.51
C VAL A 213 -16.59 -8.40 3.69
N ASP A 214 -15.76 -8.33 2.65
CA ASP A 214 -14.52 -7.56 2.64
C ASP A 214 -14.81 -6.10 2.65
N ALA A 215 -13.84 -5.36 3.17
CA ALA A 215 -13.93 -3.88 3.15
C ALA A 215 -14.05 -3.33 1.74
N THR A 216 -13.32 -3.90 0.77
CA THR A 216 -13.38 -3.39 -0.61
C THR A 216 -14.76 -3.60 -1.23
N THR A 217 -15.51 -4.58 -0.73
CA THR A 217 -16.82 -4.86 -1.32
C THR A 217 -17.79 -3.83 -0.84
N PHE A 218 -17.52 -3.41 0.39
CA PHE A 218 -18.38 -2.52 1.17
C PHE A 218 -18.25 -1.06 0.68
N ALA A 219 -17.01 -0.63 0.41
CA ALA A 219 -16.67 0.77 0.12
C ALA A 219 -17.53 1.49 -0.92
N PRO A 220 -17.73 0.89 -2.07
CA PRO A 220 -18.64 1.55 -3.05
C PRO A 220 -19.96 1.81 -2.52
N PHE A 221 -20.47 0.87 -1.71
CA PHE A 221 -21.84 1.05 -1.14
C PHE A 221 -21.85 2.23 -0.18
N ILE A 222 -20.82 2.31 0.65
CA ILE A 222 -20.81 3.33 1.64
C ILE A 222 -20.57 4.72 1.03
N THR A 223 -19.68 4.82 0.03
CA THR A 223 -19.44 6.12 -0.60
C THR A 223 -20.69 6.63 -1.31
N GLN A 224 -21.51 5.76 -1.89
CA GLN A 224 -22.79 6.30 -2.42
C GLN A 224 -23.58 6.93 -1.29
N GLY A 225 -23.61 6.28 -0.14
CA GLY A 225 -24.44 6.77 0.98
C GLY A 225 -23.96 8.09 1.55
N ILE A 226 -22.64 8.22 1.66
CA ILE A 226 -22.04 9.46 2.06
C ILE A 226 -22.51 10.65 1.17
N GLY A 227 -22.51 10.47 -0.12
CA GLY A 227 -23.00 11.49 -1.02
C GLY A 227 -24.43 11.84 -0.74
N THR A 228 -25.26 10.85 -0.46
CA THR A 228 -26.67 11.17 -0.15
C THR A 228 -26.83 12.02 1.10
N VAL A 229 -26.01 11.73 2.10
CA VAL A 229 -26.11 12.43 3.38
C VAL A 229 -25.57 13.82 3.28
N ALA A 230 -24.41 13.96 2.62
CA ALA A 230 -23.85 15.27 2.28
C ALA A 230 -24.87 16.21 1.64
N ASP A 231 -25.71 15.70 0.75
CA ASP A 231 -26.75 16.56 0.16
C ASP A 231 -27.79 17.03 1.12
N TRP A 232 -27.91 16.40 2.29
CA TRP A 232 -28.87 16.95 3.25
C TRP A 232 -28.35 18.16 4.00
N LEU A 233 -27.05 18.39 3.98
CA LEU A 233 -26.47 19.34 4.92
C LEU A 233 -26.93 20.79 4.71
N PRO A 234 -27.09 21.24 3.44
CA PRO A 234 -27.48 22.64 3.29
C PRO A 234 -28.85 22.93 3.90
N GLY A 235 -29.74 21.99 3.78
CA GLY A 235 -31.04 22.11 4.41
C GLY A 235 -30.99 22.06 5.89
N TYR A 236 -30.11 21.22 6.42
CA TYR A 236 -29.95 21.14 7.86
C TYR A 236 -29.29 22.46 8.35
N ALA A 237 -28.41 23.02 7.55
CA ALA A 237 -27.82 24.30 7.90
C ALA A 237 -28.91 25.36 8.01
N ARG A 238 -29.83 25.43 7.03
CA ARG A 238 -30.92 26.43 7.10
C ARG A 238 -31.70 26.23 8.38
N GLN A 239 -31.99 25.00 8.76
CA GLN A 239 -32.71 24.80 10.00
C GLN A 239 -31.96 25.31 11.21
N ILE A 240 -30.66 25.04 11.29
CA ILE A 240 -29.86 25.53 12.38
C ILE A 240 -29.81 27.06 12.38
N ASP A 241 -29.72 27.70 11.23
CA ASP A 241 -29.63 29.17 11.23
C ASP A 241 -30.91 29.86 11.69
N ASP A 242 -32.08 29.33 11.37
CA ASP A 242 -33.31 29.66 12.12
C ASP A 242 -33.23 28.77 13.29
N GLY A 243 -34.18 28.83 14.18
CA GLY A 243 -34.08 27.96 15.36
C GLY A 243 -35.13 26.93 15.19
N ALA A 244 -35.38 26.54 13.94
CA ALA A 244 -36.56 25.76 13.58
C ALA A 244 -36.14 24.37 13.06
N TYR A 245 -36.62 23.32 13.75
CA TYR A 245 -36.22 21.93 13.49
C TYR A 245 -37.41 21.01 13.17
N PRO A 246 -38.10 21.28 12.06
CA PRO A 246 -39.21 20.43 11.64
C PRO A 246 -38.80 18.99 11.52
N ALA A 247 -39.71 18.10 11.87
CA ALA A 247 -39.43 16.67 11.83
C ALA A 247 -39.29 16.11 10.41
N ASP A 248 -40.02 16.72 9.46
CA ASP A 248 -40.15 16.15 8.10
C ASP A 248 -40.27 14.62 8.07
N ASP A 249 -41.16 14.06 8.89
CA ASP A 249 -41.30 12.60 8.97
C ASP A 249 -40.10 11.84 9.51
N ALA A 250 -39.03 12.52 9.94
CA ALA A 250 -37.86 11.83 10.50
C ALA A 250 -37.46 12.37 11.86
N ALA A 251 -38.37 12.30 12.81
CA ALA A 251 -38.16 12.92 14.11
C ALA A 251 -37.19 12.12 14.97
N ILE A 252 -36.57 12.80 15.92
CA ILE A 252 -35.50 12.21 16.73
C ILE A 252 -35.97 10.98 17.44
N ASP A 253 -37.23 10.98 17.87
CA ASP A 253 -37.87 9.79 18.46
C ASP A 253 -37.67 8.58 17.55
N THR A 254 -38.05 8.72 16.29
CA THR A 254 -37.99 7.60 15.35
C THR A 254 -36.55 7.12 15.07
N HIS A 255 -35.57 8.00 15.12
CA HIS A 255 -34.17 7.58 15.03
C HIS A 255 -33.86 6.57 16.12
N LEU A 256 -34.33 6.86 17.33
CA LEU A 256 -33.91 6.23 18.60
C LEU A 256 -34.09 4.75 18.64
N ALA A 257 -35.22 4.27 18.18
CA ALA A 257 -35.41 2.82 18.10
C ALA A 257 -34.32 2.17 17.23
N THR A 258 -34.05 2.77 16.09
CA THR A 258 -33.05 2.26 15.19
C THR A 258 -31.68 2.31 15.82
N MET A 259 -31.40 3.34 16.60
CA MET A 259 -30.09 3.42 17.22
C MET A 259 -29.94 2.28 18.20
N GLU A 260 -31.04 1.84 18.81
CA GLU A 260 -30.99 0.74 19.79
C GLU A 260 -30.62 -0.53 19.05
N HIS A 261 -31.30 -0.77 17.94
CA HIS A 261 -30.97 -1.91 17.08
C HIS A 261 -29.50 -1.95 16.76
N LEU A 262 -28.92 -0.82 16.36
CA LEU A 262 -27.52 -0.78 15.99
C LEU A 262 -26.64 -1.20 17.15
N ILE A 263 -27.03 -0.77 18.34
CA ILE A 263 -26.32 -1.18 19.51
C ILE A 263 -26.39 -2.68 19.74
N HIS A 264 -27.62 -3.23 19.64
CA HIS A 264 -27.86 -4.65 19.90
C HIS A 264 -27.11 -5.47 18.87
N GLU A 265 -27.23 -5.09 17.64
CA GLU A 265 -26.48 -5.72 16.59
C GLU A 265 -24.97 -5.77 16.93
N SER A 266 -24.39 -4.66 17.31
CA SER A 266 -22.96 -4.62 17.57
C SER A 266 -22.53 -5.47 18.74
N GLU A 267 -23.28 -5.35 19.84
CA GLU A 267 -23.01 -6.14 21.04
C GLU A 267 -23.10 -7.61 20.72
N PHE A 268 -24.21 -8.01 20.13
CA PHE A 268 -24.40 -9.40 19.70
C PHE A 268 -23.37 -9.98 18.76
N LEU A 269 -22.81 -9.22 17.80
CA LEU A 269 -21.81 -9.79 16.90
C LEU A 269 -20.43 -9.70 17.50
N GLY A 270 -20.33 -9.08 18.66
CA GLY A 270 -19.06 -9.05 19.35
C GLY A 270 -18.11 -8.04 18.81
N VAL A 271 -18.65 -7.03 18.13
CA VAL A 271 -17.76 -5.95 17.72
C VAL A 271 -17.95 -4.83 18.74
N ASN A 272 -17.07 -3.87 18.73
CA ASN A 272 -17.24 -2.69 19.54
C ASN A 272 -18.55 -1.90 19.40
N ALA A 273 -19.16 -1.54 20.50
CA ALA A 273 -20.44 -0.85 20.48
C ALA A 273 -20.38 0.54 21.12
N GLU A 274 -19.19 1.04 21.41
CA GLU A 274 -19.11 2.37 21.98
C GLU A 274 -19.70 3.46 21.06
N LEU A 275 -19.32 3.46 19.81
CA LEU A 275 -19.78 4.50 18.92
C LEU A 275 -21.27 4.53 18.82
N PRO A 276 -21.88 3.38 18.57
CA PRO A 276 -23.36 3.40 18.55
C PRO A 276 -24.01 3.86 19.86
N ARG A 277 -23.37 3.54 20.99
CA ARG A 277 -23.89 3.99 22.32
C ARG A 277 -23.77 5.48 22.46
N PHE A 278 -22.61 6.00 22.09
CA PHE A 278 -22.42 7.44 22.05
C PHE A 278 -23.50 8.15 21.23
N ILE A 279 -23.72 7.64 20.03
CA ILE A 279 -24.75 8.19 19.19
C ILE A 279 -26.09 8.22 19.95
N LYS A 280 -26.47 7.11 20.60
CA LYS A 280 -27.81 7.02 21.26
C LYS A 280 -27.80 7.93 22.47
N ALA A 281 -26.68 7.99 23.18
CA ALA A 281 -26.58 8.94 24.30
C ALA A 281 -26.97 10.38 23.89
N LEU A 282 -26.38 10.94 22.82
CA LEU A 282 -26.76 12.29 22.40
C LEU A 282 -28.22 12.37 22.13
N ALA A 283 -28.78 11.44 21.42
CA ALA A 283 -30.21 11.56 21.11
C ALA A 283 -31.07 11.47 22.36
N ASP A 284 -30.61 10.76 23.37
CA ASP A 284 -31.38 10.65 24.61
C ASP A 284 -31.52 12.01 25.26
N ARG A 285 -30.40 12.72 25.33
CA ARG A 285 -30.41 14.08 25.85
C ARG A 285 -31.41 14.98 25.14
N ALA A 286 -31.46 14.92 23.83
CA ALA A 286 -32.38 15.77 23.13
C ALA A 286 -33.80 15.41 23.51
N VAL A 287 -34.04 14.13 23.73
CA VAL A 287 -35.38 13.66 23.99
C VAL A 287 -35.80 14.18 25.35
N ALA A 288 -34.87 14.08 26.28
CA ALA A 288 -35.01 14.59 27.62
C ALA A 288 -35.18 16.10 27.71
N ASP A 289 -34.85 16.87 26.68
CA ASP A 289 -35.09 18.31 26.66
C ASP A 289 -36.30 18.55 25.85
N GLY A 290 -37.09 17.51 25.63
CA GLY A 290 -38.35 17.65 24.89
C GLY A 290 -38.18 17.96 23.44
N HIS A 291 -37.05 17.57 22.86
CA HIS A 291 -36.87 17.73 21.41
C HIS A 291 -37.17 16.46 20.61
N GLY A 292 -37.68 15.42 21.28
CA GLY A 292 -38.06 14.17 20.65
C GLY A 292 -38.83 14.33 19.36
N GLY A 293 -39.66 15.36 19.29
CA GLY A 293 -40.47 15.55 18.12
C GLY A 293 -39.79 16.28 17.01
N SER A 294 -38.60 16.82 17.26
CA SER A 294 -37.94 17.67 16.25
C SER A 294 -37.08 16.83 15.30
N GLY A 295 -36.70 17.45 14.18
CA GLY A 295 -35.68 16.89 13.29
C GLY A 295 -34.29 16.75 13.92
N TYR A 296 -33.42 15.98 13.29
CA TYR A 296 -32.11 15.65 13.84
C TYR A 296 -31.30 16.91 14.18
N PRO A 297 -31.37 17.94 13.33
CA PRO A 297 -30.60 19.15 13.62
C PRO A 297 -30.87 19.84 14.94
N ALA A 298 -31.95 19.52 15.63
CA ALA A 298 -32.13 20.00 17.01
C ALA A 298 -31.07 19.51 17.97
N LEU A 299 -30.32 18.51 17.57
CA LEU A 299 -29.21 18.06 18.36
C LEU A 299 -28.06 19.06 18.39
N ILE A 300 -28.11 20.14 17.57
CA ILE A 300 -27.07 21.23 17.70
C ILE A 300 -26.99 21.78 19.14
N GLU A 301 -28.11 21.77 19.87
CA GLU A 301 -28.12 22.21 21.29
C GLU A 301 -27.26 21.36 22.19
N GLN A 302 -27.17 20.09 21.88
CA GLN A 302 -26.30 19.20 22.59
C GLN A 302 -24.86 19.52 22.29
N PHE A 303 -24.57 19.92 21.06
CA PHE A 303 -23.17 20.22 20.70
C PHE A 303 -22.69 21.56 21.18
N ARG A 304 -23.63 22.45 21.45
CA ARG A 304 -23.32 23.73 22.05
C ARG A 304 -23.07 23.80 23.54
N THR A 305 -23.45 22.77 24.32
CA THR A 305 -23.27 22.85 25.77
C THR A 305 -22.49 21.68 26.38
N HIS A 306 -22.49 21.60 27.70
CA HIS A 306 -21.89 20.51 28.47
C HIS A 306 -22.30 20.73 29.95
N HIS B 19 -45.92 -8.87 -15.37
CA HIS B 19 -45.82 -10.26 -15.92
C HIS B 19 -46.44 -11.32 -14.97
N THR B 20 -46.15 -11.20 -13.65
CA THR B 20 -46.47 -12.23 -12.61
C THR B 20 -47.15 -11.66 -11.33
N PRO B 21 -48.07 -12.41 -10.68
CA PRO B 21 -48.77 -11.80 -9.51
C PRO B 21 -47.88 -11.64 -8.28
N VAL B 22 -48.11 -10.56 -7.53
CA VAL B 22 -47.35 -10.27 -6.31
C VAL B 22 -48.26 -9.66 -5.23
N THR B 23 -48.03 -10.07 -3.98
CA THR B 23 -48.75 -9.54 -2.83
C THR B 23 -47.87 -8.57 -2.05
N VAL B 24 -48.49 -7.54 -1.48
CA VAL B 24 -47.79 -6.58 -0.63
C VAL B 24 -48.52 -6.47 0.69
N ILE B 25 -47.80 -6.74 1.77
CA ILE B 25 -48.39 -6.76 3.08
C ILE B 25 -47.78 -5.67 3.92
N GLY B 26 -48.67 -4.79 4.42
CA GLY B 26 -48.28 -3.62 5.19
C GLY B 26 -48.34 -2.44 4.26
N LEU B 27 -49.16 -1.44 4.61
CA LEU B 27 -49.39 -0.25 3.77
C LEU B 27 -49.14 1.03 4.53
N GLY B 28 -48.00 1.12 5.20
CA GLY B 28 -47.53 2.42 5.66
C GLY B 28 -47.18 3.20 4.40
N LEU B 29 -46.51 4.33 4.56
CA LEU B 29 -46.16 5.12 3.38
C LEU B 29 -45.39 4.20 2.41
N MET B 30 -44.40 3.48 2.94
CA MET B 30 -43.55 2.58 2.17
C MET B 30 -44.31 1.42 1.53
N GLY B 31 -45.20 0.80 2.28
CA GLY B 31 -45.99 -0.29 1.71
C GLY B 31 -46.76 0.16 0.49
N GLN B 32 -47.41 1.31 0.59
CA GLN B 32 -48.18 1.89 -0.53
C GLN B 32 -47.27 2.13 -1.74
N ALA B 33 -46.11 2.75 -1.51
CA ALA B 33 -45.11 2.92 -2.56
C ALA B 33 -44.73 1.59 -3.24
N LEU B 34 -44.49 0.55 -2.45
CA LEU B 34 -44.04 -0.70 -3.00
C LEU B 34 -45.13 -1.25 -3.89
N ALA B 35 -46.36 -1.24 -3.38
CA ALA B 35 -47.51 -1.75 -4.13
C ALA B 35 -47.74 -0.93 -5.38
N GLY B 36 -47.53 0.39 -5.25
CA GLY B 36 -47.59 1.30 -6.39
C GLY B 36 -46.67 0.83 -7.51
N ALA B 37 -45.39 0.66 -7.19
CA ALA B 37 -44.42 0.23 -8.18
C ALA B 37 -44.81 -1.09 -8.86
N PHE B 38 -45.38 -2.03 -8.12
CA PHE B 38 -45.70 -3.33 -8.71
C PHE B 38 -46.87 -3.21 -9.68
N LEU B 39 -47.91 -2.45 -9.29
CA LEU B 39 -49.05 -2.16 -10.18
C LEU B 39 -48.55 -1.37 -11.42
N GLY B 40 -47.76 -0.31 -11.21
CA GLY B 40 -47.18 0.47 -12.30
C GLY B 40 -46.29 -0.29 -13.29
N ALA B 41 -45.78 -1.44 -12.91
CA ALA B 41 -44.98 -2.24 -13.82
C ALA B 41 -45.84 -3.35 -14.42
N GLY B 42 -47.15 -3.28 -14.21
CA GLY B 42 -48.07 -4.25 -14.81
C GLY B 42 -48.11 -5.59 -14.12
N HIS B 43 -48.09 -5.58 -12.79
CA HIS B 43 -48.24 -6.80 -12.02
C HIS B 43 -49.66 -6.87 -11.47
N PRO B 44 -50.31 -8.03 -11.59
CA PRO B 44 -51.57 -8.24 -10.84
C PRO B 44 -51.29 -8.29 -9.33
N THR B 45 -51.63 -7.21 -8.64
CA THR B 45 -51.14 -6.94 -7.32
C THR B 45 -52.26 -7.03 -6.30
N THR B 46 -52.08 -7.92 -5.32
CA THR B 46 -52.97 -8.00 -4.16
C THR B 46 -52.34 -7.32 -2.95
N VAL B 47 -53.19 -6.82 -2.06
CA VAL B 47 -52.74 -5.93 -1.00
C VAL B 47 -53.50 -6.17 0.34
N TRP B 48 -52.90 -5.83 1.47
CA TRP B 48 -53.52 -6.05 2.77
C TRP B 48 -53.11 -5.05 3.84
N ASN B 49 -54.07 -4.62 4.63
CA ASN B 49 -53.81 -3.66 5.70
C ASN B 49 -54.84 -3.73 6.81
N ARG B 50 -55.05 -2.62 7.51
CA ARG B 50 -56.01 -2.56 8.60
C ARG B 50 -56.66 -1.18 8.69
N ALA B 66 -57.67 -7.29 0.04
CA ALA B 66 -57.80 -8.70 0.48
C ALA B 66 -58.46 -8.80 1.86
N GLY B 67 -59.23 -9.86 2.06
CA GLY B 67 -59.98 -10.06 3.29
C GLY B 67 -59.12 -10.19 4.53
N SER B 68 -58.04 -10.95 4.40
CA SER B 68 -57.16 -11.27 5.52
C SER B 68 -55.73 -11.46 5.01
N VAL B 69 -54.81 -11.63 5.94
CA VAL B 69 -53.44 -11.96 5.60
C VAL B 69 -53.37 -13.30 4.86
N ALA B 70 -54.12 -14.30 5.30
CA ALA B 70 -54.07 -15.62 4.65
C ALA B 70 -54.58 -15.54 3.21
N GLU B 71 -55.56 -14.66 2.97
CA GLU B 71 -56.10 -14.39 1.64
C GLU B 71 -55.03 -13.77 0.76
N ALA B 72 -54.37 -12.75 1.29
CA ALA B 72 -53.28 -12.09 0.58
C ALA B 72 -52.15 -13.06 0.21
N VAL B 73 -51.75 -13.91 1.14
CA VAL B 73 -50.67 -14.85 0.88
C VAL B 73 -51.05 -15.86 -0.21
N ALA B 74 -52.27 -16.39 -0.12
CA ALA B 74 -52.77 -17.37 -1.09
C ALA B 74 -52.88 -16.80 -2.51
N ALA B 75 -52.97 -15.47 -2.64
CA ALA B 75 -53.10 -14.81 -3.94
C ALA B 75 -51.90 -14.90 -4.89
N SER B 76 -50.68 -14.93 -4.39
CA SER B 76 -49.52 -14.76 -5.30
C SER B 76 -48.36 -15.69 -4.93
N PRO B 77 -47.58 -16.11 -5.91
CA PRO B 77 -46.39 -16.90 -5.57
C PRO B 77 -45.26 -16.04 -4.93
N LEU B 78 -45.31 -14.72 -5.08
CA LEU B 78 -44.33 -13.78 -4.53
C LEU B 78 -45.00 -12.90 -3.52
N VAL B 79 -44.53 -12.93 -2.28
CA VAL B 79 -45.18 -12.18 -1.19
C VAL B 79 -44.23 -11.19 -0.56
N VAL B 80 -44.55 -9.91 -0.60
CA VAL B 80 -43.63 -8.88 -0.10
C VAL B 80 -44.19 -8.27 1.17
N VAL B 81 -43.34 -8.17 2.20
CA VAL B 81 -43.77 -7.71 3.48
C VAL B 81 -43.00 -6.48 3.89
N CYS B 82 -43.72 -5.42 4.25
CA CYS B 82 -43.09 -4.20 4.72
C CYS B 82 -43.89 -3.54 5.83
N VAL B 83 -43.40 -3.70 7.06
CA VAL B 83 -44.16 -3.29 8.25
C VAL B 83 -43.19 -2.65 9.21
N SER B 84 -43.66 -2.23 10.38
CA SER B 84 -42.82 -1.41 11.23
C SER B 84 -41.57 -2.17 11.77
N ASP B 85 -41.70 -3.44 12.15
CA ASP B 85 -40.55 -4.21 12.68
C ASP B 85 -40.81 -5.72 12.69
N TYR B 86 -39.83 -6.51 13.15
CA TYR B 86 -39.95 -7.97 13.05
C TYR B 86 -41.04 -8.52 14.02
N ASP B 87 -41.34 -7.79 15.10
CA ASP B 87 -42.46 -8.16 15.98
C ASP B 87 -43.75 -8.15 15.22
N ALA B 88 -43.97 -7.15 14.37
CA ALA B 88 -45.16 -7.14 13.49
C ALA B 88 -45.11 -8.26 12.48
N VAL B 89 -43.94 -8.56 11.96
CA VAL B 89 -43.83 -9.66 11.02
C VAL B 89 -44.24 -10.96 11.72
N HIS B 90 -43.69 -11.17 12.92
CA HIS B 90 -44.09 -12.29 13.81
C HIS B 90 -45.60 -12.35 13.97
N ALA B 91 -46.21 -11.22 14.29
CA ALA B 91 -47.63 -11.14 14.57
C ALA B 91 -48.52 -11.45 13.35
N LEU B 92 -48.09 -11.06 12.17
CA LEU B 92 -48.89 -11.30 11.00
C LEU B 92 -48.65 -12.67 10.42
N LEU B 93 -47.44 -13.19 10.50
CA LEU B 93 -47.11 -14.40 9.77
C LEU B 93 -47.13 -15.69 10.60
N ASP B 94 -46.76 -15.61 11.88
CA ASP B 94 -46.68 -16.84 12.73
C ASP B 94 -48.02 -17.58 12.82
N PRO B 95 -49.15 -16.86 12.98
CA PRO B 95 -50.43 -17.56 12.99
C PRO B 95 -50.86 -18.30 11.71
N LEU B 96 -50.14 -18.22 10.60
CA LEU B 96 -50.59 -18.87 9.37
C LEU B 96 -50.51 -20.39 9.46
N ASP B 97 -51.49 -21.09 8.86
CA ASP B 97 -51.43 -22.55 8.65
C ASP B 97 -50.07 -22.93 7.98
N GLY B 98 -49.58 -24.12 8.32
CA GLY B 98 -48.24 -24.57 7.92
C GLY B 98 -48.14 -24.80 6.43
N THR B 99 -49.30 -24.96 5.79
CA THR B 99 -49.40 -25.16 4.34
C THR B 99 -49.28 -23.82 3.58
N ALA B 100 -49.74 -22.73 4.19
CA ALA B 100 -49.94 -21.42 3.50
C ALA B 100 -48.77 -20.87 2.66
N LEU B 101 -47.54 -21.08 3.10
CA LEU B 101 -46.37 -20.53 2.41
C LEU B 101 -45.63 -21.54 1.56
N GLN B 102 -46.06 -22.82 1.60
CA GLN B 102 -45.41 -23.90 0.81
C GLN B 102 -45.30 -23.49 -0.67
N GLY B 103 -44.06 -23.53 -1.17
CA GLY B 103 -43.76 -23.21 -2.56
C GLY B 103 -43.95 -21.75 -2.92
N ARG B 104 -43.89 -20.85 -1.94
CA ARG B 104 -43.94 -19.41 -2.24
C ARG B 104 -42.62 -18.77 -1.86
N THR B 105 -42.37 -17.58 -2.39
CA THR B 105 -41.20 -16.83 -2.06
C THR B 105 -41.66 -15.65 -1.27
N LEU B 106 -41.07 -15.51 -0.10
CA LEU B 106 -41.39 -14.43 0.81
C LEU B 106 -40.22 -13.46 0.84
N VAL B 107 -40.51 -12.18 0.59
CA VAL B 107 -39.47 -11.14 0.57
C VAL B 107 -39.79 -10.16 1.64
N ASN B 108 -38.90 -10.07 2.61
CA ASN B 108 -39.20 -9.27 3.78
C ASN B 108 -38.32 -8.04 3.81
N LEU B 109 -38.90 -6.92 3.43
CA LEU B 109 -38.19 -5.68 3.35
C LEU B 109 -38.27 -4.83 4.63
N THR B 110 -38.86 -5.39 5.68
CA THR B 110 -38.85 -4.76 6.98
C THR B 110 -37.41 -4.61 7.51
N SER B 111 -37.16 -3.51 8.18
CA SER B 111 -35.85 -3.30 8.83
C SER B 111 -35.74 -4.00 10.15
N GLY B 112 -34.59 -4.59 10.42
CA GLY B 112 -34.32 -5.29 11.64
C GLY B 112 -32.88 -5.75 11.78
N THR B 113 -32.55 -6.55 12.77
CA THR B 113 -31.21 -6.97 12.91
C THR B 113 -30.96 -8.24 12.10
N SER B 114 -29.68 -8.51 11.88
CA SER B 114 -29.28 -9.72 11.23
C SER B 114 -29.82 -10.95 11.93
N ALA B 115 -29.92 -10.93 13.25
CA ALA B 115 -30.40 -12.12 13.96
C ALA B 115 -31.85 -12.31 13.64
N GLN B 116 -32.56 -11.21 13.50
CA GLN B 116 -33.99 -11.32 13.16
C GLN B 116 -34.15 -11.91 11.79
N ALA B 117 -33.25 -11.55 10.89
CA ALA B 117 -33.32 -11.96 9.50
C ALA B 117 -32.97 -13.43 9.40
N ARG B 118 -31.92 -13.82 10.11
CA ARG B 118 -31.55 -15.21 10.11
C ARG B 118 -32.64 -16.11 10.74
N GLU B 119 -33.34 -15.63 11.78
CA GLU B 119 -34.45 -16.39 12.37
C GLU B 119 -35.58 -16.59 11.37
N ARG B 120 -36.00 -15.51 10.72
CA ARG B 120 -37.08 -15.63 9.75
C ARG B 120 -36.68 -16.57 8.60
N ALA B 121 -35.42 -16.51 8.19
CA ALA B 121 -34.97 -17.44 7.19
C ALA B 121 -35.17 -18.89 7.66
N ALA B 122 -34.73 -19.21 8.86
CA ALA B 122 -34.94 -20.57 9.38
C ALA B 122 -36.46 -20.91 9.45
N TRP B 123 -37.25 -19.99 9.93
CA TRP B 123 -38.70 -20.16 10.02
C TRP B 123 -39.32 -20.40 8.67
N ALA B 124 -38.98 -19.56 7.72
CA ALA B 124 -39.52 -19.67 6.37
C ALA B 124 -39.12 -21.02 5.78
N ASP B 125 -37.88 -21.42 5.97
CA ASP B 125 -37.51 -22.75 5.48
C ASP B 125 -38.35 -23.85 6.11
N GLY B 126 -38.56 -23.79 7.42
CA GLY B 126 -39.42 -24.79 8.09
C GLY B 126 -40.86 -24.80 7.60
N ARG B 127 -41.33 -23.68 7.06
CA ARG B 127 -42.65 -23.58 6.47
C ARG B 127 -42.66 -23.89 4.94
N GLY B 128 -41.54 -24.43 4.40
CA GLY B 128 -41.36 -24.69 2.95
C GLY B 128 -41.36 -23.51 1.96
N ALA B 129 -40.81 -22.38 2.36
CA ALA B 129 -40.81 -21.20 1.51
C ALA B 129 -39.39 -20.83 1.24
N ASP B 130 -39.18 -20.20 0.10
CA ASP B 130 -37.99 -19.45 -0.15
C ASP B 130 -38.10 -18.08 0.53
N TYR B 131 -36.98 -17.58 1.01
CA TYR B 131 -37.00 -16.34 1.77
C TYR B 131 -35.87 -15.41 1.36
N LEU B 132 -36.23 -14.18 1.01
CA LEU B 132 -35.23 -13.11 0.92
C LEU B 132 -35.48 -12.10 2.02
N ASP B 133 -34.41 -11.69 2.66
CA ASP B 133 -34.49 -10.61 3.58
C ASP B 133 -33.88 -9.38 2.94
N GLY B 134 -34.60 -8.28 3.02
CA GLY B 134 -34.08 -7.01 2.58
C GLY B 134 -34.24 -5.80 3.48
N ALA B 135 -33.77 -4.68 2.94
CA ALA B 135 -33.81 -3.39 3.60
C ALA B 135 -33.96 -2.28 2.54
N ILE B 136 -34.77 -1.26 2.85
CA ILE B 136 -34.97 -0.10 2.01
C ILE B 136 -34.18 1.11 2.53
N LEU B 137 -33.24 1.65 1.76
CA LEU B 137 -32.46 2.81 2.19
C LEU B 137 -32.84 4.06 1.40
N ALA B 138 -34.11 4.41 1.39
CA ALA B 138 -34.59 5.51 0.58
C ALA B 138 -35.98 5.80 1.09
N GLY B 139 -36.56 6.92 0.68
CA GLY B 139 -37.91 7.27 1.11
C GLY B 139 -38.88 6.65 0.15
N PRO B 140 -40.18 6.65 0.51
CA PRO B 140 -41.25 6.08 -0.36
C PRO B 140 -41.29 6.75 -1.72
N ALA B 141 -41.11 8.07 -1.74
CA ALA B 141 -41.00 8.79 -3.00
C ALA B 141 -40.02 8.13 -4.00
N ALA B 142 -38.87 7.63 -3.55
CA ALA B 142 -37.85 7.11 -4.46
C ALA B 142 -38.16 5.73 -5.01
N ILE B 143 -39.10 5.01 -4.41
CA ILE B 143 -39.43 3.66 -4.88
C ILE B 143 -39.86 3.71 -6.34
N GLY B 144 -39.35 2.78 -7.15
CA GLY B 144 -39.65 2.75 -8.59
C GLY B 144 -38.64 3.52 -9.47
N THR B 145 -37.78 4.31 -8.83
CA THR B 145 -36.92 5.25 -9.55
C THR B 145 -35.45 4.91 -9.37
N ALA B 146 -34.57 5.61 -10.09
CA ALA B 146 -33.13 5.32 -10.01
C ALA B 146 -32.57 5.71 -8.65
N ASP B 147 -33.31 6.55 -7.91
CA ASP B 147 -32.94 6.91 -6.53
C ASP B 147 -33.16 5.81 -5.49
N ALA B 148 -34.13 4.93 -5.73
CA ALA B 148 -34.40 3.81 -4.81
C ALA B 148 -33.15 3.00 -4.58
N VAL B 149 -32.91 2.66 -3.33
CA VAL B 149 -31.94 1.67 -2.95
C VAL B 149 -32.65 0.62 -2.13
N VAL B 150 -32.62 -0.62 -2.63
CA VAL B 150 -33.28 -1.72 -1.97
C VAL B 150 -32.32 -2.85 -1.98
N LEU B 151 -31.91 -3.27 -0.79
CA LEU B 151 -30.94 -4.36 -0.66
C LEU B 151 -31.66 -5.69 -0.43
N LEU B 152 -31.13 -6.78 -0.99
CA LEU B 152 -31.74 -8.09 -0.88
C LEU B 152 -30.66 -9.09 -0.60
N SER B 153 -30.94 -10.06 0.25
CA SER B 153 -29.96 -11.09 0.54
C SER B 153 -30.71 -12.39 0.82
N GLY B 154 -30.04 -13.50 0.58
CA GLY B 154 -30.70 -14.78 0.45
C GLY B 154 -30.22 -15.60 -0.75
N PRO B 155 -30.71 -16.83 -0.87
CA PRO B 155 -30.11 -17.70 -1.88
C PRO B 155 -30.58 -17.35 -3.29
N ARG B 156 -29.70 -17.55 -4.26
CA ARG B 156 -30.00 -17.25 -5.65
C ARG B 156 -31.31 -17.91 -6.05
N SER B 157 -31.46 -19.18 -5.68
CA SER B 157 -32.70 -19.88 -5.95
C SER B 157 -33.97 -19.13 -5.53
N ALA B 158 -33.87 -18.24 -4.54
CA ALA B 158 -35.03 -17.44 -4.16
C ALA B 158 -35.10 -16.15 -4.96
N PHE B 159 -33.94 -15.63 -5.35
CA PHE B 159 -33.90 -14.30 -6.01
C PHE B 159 -34.07 -14.36 -7.53
N ASP B 160 -33.25 -15.18 -8.21
CA ASP B 160 -33.24 -15.31 -9.69
C ASP B 160 -34.65 -15.46 -10.30
N PRO B 161 -35.45 -16.42 -9.82
CA PRO B 161 -36.81 -16.48 -10.36
C PRO B 161 -37.65 -15.22 -10.28
N HIS B 162 -37.32 -14.27 -9.42
CA HIS B 162 -38.13 -13.04 -9.31
C HIS B 162 -37.32 -11.79 -9.51
N ALA B 163 -36.14 -11.95 -10.10
CA ALA B 163 -35.25 -10.82 -10.37
C ALA B 163 -35.94 -9.70 -11.15
N SER B 164 -36.65 -10.07 -12.20
CA SER B 164 -37.34 -9.06 -12.99
C SER B 164 -38.39 -8.34 -12.18
N ALA B 165 -39.30 -9.08 -11.55
CA ALA B 165 -40.35 -8.46 -10.74
C ALA B 165 -39.76 -7.45 -9.75
N LEU B 166 -38.70 -7.89 -9.04
CA LEU B 166 -38.11 -7.09 -7.97
C LEU B 166 -37.33 -5.90 -8.48
N GLY B 167 -36.79 -6.00 -9.70
CA GLY B 167 -36.17 -4.83 -10.36
C GLY B 167 -37.16 -3.68 -10.57
N GLY B 168 -38.46 -3.99 -10.63
CA GLY B 168 -39.53 -3.00 -10.66
C GLY B 168 -39.48 -1.94 -9.57
N LEU B 169 -38.75 -2.21 -8.49
CA LEU B 169 -38.66 -1.25 -7.37
C LEU B 169 -37.58 -0.20 -7.60
N GLY B 170 -36.79 -0.36 -8.66
CA GLY B 170 -35.76 0.63 -8.98
C GLY B 170 -34.50 -0.02 -9.47
N ALA B 171 -33.68 0.75 -10.17
CA ALA B 171 -32.41 0.24 -10.65
C ALA B 171 -31.45 0.08 -9.48
N GLY B 172 -31.71 0.78 -8.37
CA GLY B 172 -30.89 0.62 -7.18
C GLY B 172 -31.11 -0.69 -6.43
N THR B 173 -32.08 -1.49 -6.88
CA THR B 173 -32.35 -2.80 -6.31
C THR B 173 -31.15 -3.67 -6.50
N THR B 174 -30.53 -4.11 -5.41
CA THR B 174 -29.30 -4.82 -5.51
C THR B 174 -29.22 -6.08 -4.60
N TYR B 175 -28.75 -7.18 -5.21
CA TYR B 175 -28.69 -8.49 -4.60
C TYR B 175 -27.33 -8.57 -4.05
N LEU B 176 -27.24 -8.76 -2.73
CA LEU B 176 -25.98 -8.64 -2.00
C LEU B 176 -25.28 -9.94 -1.78
N GLY B 177 -26.03 -11.05 -1.86
CA GLY B 177 -25.42 -12.38 -1.58
C GLY B 177 -26.31 -13.35 -0.82
N ALA B 178 -25.74 -14.49 -0.45
CA ALA B 178 -26.53 -15.62 0.02
C ALA B 178 -27.01 -15.51 1.48
N ASP B 179 -26.13 -15.06 2.38
CA ASP B 179 -26.44 -14.91 3.81
C ASP B 179 -27.55 -13.91 4.04
N HIS B 180 -28.63 -14.39 4.67
CA HIS B 180 -29.82 -13.56 4.83
C HIS B 180 -29.55 -12.40 5.77
N GLY B 181 -28.48 -12.46 6.53
CA GLY B 181 -28.16 -11.35 7.38
C GLY B 181 -27.59 -10.10 6.71
N LEU B 182 -27.16 -10.19 5.45
CA LEU B 182 -26.38 -9.11 4.83
C LEU B 182 -27.15 -7.78 4.67
N ALA B 183 -28.38 -7.83 4.20
CA ALA B 183 -29.05 -6.58 4.03
C ALA B 183 -29.09 -5.77 5.36
N SER B 184 -29.31 -6.44 6.47
CA SER B 184 -29.37 -5.81 7.80
C SER B 184 -28.06 -5.19 8.18
N LEU B 185 -27.00 -5.95 7.98
CA LEU B 185 -25.66 -5.46 8.20
C LEU B 185 -25.28 -4.26 7.32
N TYR B 186 -25.68 -4.25 6.05
CA TYR B 186 -25.44 -3.10 5.17
C TYR B 186 -26.20 -1.89 5.65
N ASP B 187 -27.44 -2.10 6.04
CA ASP B 187 -28.32 -1.05 6.54
C ASP B 187 -27.69 -0.47 7.81
N ALA B 188 -27.18 -1.33 8.68
CA ALA B 188 -26.46 -0.84 9.87
C ALA B 188 -25.21 -0.03 9.51
N ALA B 189 -24.43 -0.50 8.55
CA ALA B 189 -23.22 0.26 8.17
C ALA B 189 -23.59 1.64 7.64
N GLY B 190 -24.66 1.69 6.84
CA GLY B 190 -25.16 2.92 6.29
C GLY B 190 -25.63 3.88 7.36
N LEU B 191 -26.45 3.39 8.29
CA LEU B 191 -26.93 4.19 9.43
C LEU B 191 -25.82 4.73 10.33
N VAL B 192 -24.86 3.91 10.71
CA VAL B 192 -23.87 4.42 11.61
C VAL B 192 -23.04 5.50 10.90
N MET B 193 -22.87 5.38 9.58
CA MET B 193 -22.08 6.35 8.82
C MET B 193 -22.91 7.61 8.74
N MET B 194 -24.23 7.46 8.55
CA MET B 194 -25.09 8.61 8.48
C MET B 194 -25.04 9.43 9.80
N TRP B 195 -25.36 8.81 10.94
CA TRP B 195 -25.27 9.50 12.23
C TRP B 195 -23.86 10.02 12.48
N SER B 196 -22.84 9.30 12.03
CA SER B 196 -21.49 9.78 12.21
C SER B 196 -21.25 11.15 11.51
N ILE B 197 -21.79 11.28 10.31
CA ILE B 197 -21.55 12.46 9.52
C ILE B 197 -22.37 13.61 10.09
N LEU B 198 -23.62 13.34 10.46
CA LEU B 198 -24.46 14.38 10.97
C LEU B 198 -23.86 14.91 12.26
N ASN B 199 -23.32 14.03 13.08
CA ASN B 199 -22.70 14.47 14.32
C ASN B 199 -21.45 15.24 14.11
N GLY B 200 -20.62 14.83 13.17
CA GLY B 200 -19.45 15.64 12.81
C GLY B 200 -19.83 17.03 12.28
N PHE B 201 -20.93 17.08 11.53
CA PHE B 201 -21.40 18.32 10.99
C PHE B 201 -21.81 19.25 12.13
N LEU B 202 -22.59 18.73 13.08
CA LEU B 202 -23.07 19.51 14.23
C LEU B 202 -21.92 20.00 15.10
N GLN B 203 -20.91 19.17 15.32
CA GLN B 203 -19.77 19.61 16.09
C GLN B 203 -19.08 20.77 15.37
N GLY B 204 -18.98 20.70 14.04
CA GLY B 204 -18.32 21.75 13.27
C GLY B 204 -19.17 23.01 13.26
N ALA B 205 -20.47 22.85 13.13
CA ALA B 205 -21.33 24.02 13.18
C ALA B 205 -21.25 24.73 14.54
N ALA B 206 -21.18 23.99 15.60
CA ALA B 206 -21.05 24.58 16.91
C ALA B 206 -19.77 25.33 17.05
N LEU B 207 -18.68 24.76 16.60
CA LEU B 207 -17.37 25.41 16.72
C LEU B 207 -17.35 26.71 15.99
N LEU B 208 -17.71 26.65 14.72
CA LEU B 208 -17.71 27.87 13.90
C LEU B 208 -18.78 28.86 14.32
N GLY B 209 -19.86 28.37 14.90
CA GLY B 209 -20.83 29.26 15.47
C GLY B 209 -20.27 30.18 16.54
N THR B 210 -19.22 29.77 17.24
CA THR B 210 -18.70 30.58 18.28
C THR B 210 -18.20 31.87 17.77
N ALA B 211 -17.79 31.90 16.50
CA ALA B 211 -17.23 33.10 15.89
C ALA B 211 -18.26 33.70 14.94
N GLY B 212 -19.50 33.28 15.07
CA GLY B 212 -20.54 33.93 14.30
C GLY B 212 -20.64 33.46 12.90
N VAL B 213 -19.86 32.46 12.47
CA VAL B 213 -20.12 31.92 11.14
C VAL B 213 -21.35 31.05 11.11
N ASP B 214 -22.25 31.38 10.20
CA ASP B 214 -23.52 30.67 10.05
C ASP B 214 -23.30 29.29 9.49
N ALA B 215 -24.23 28.40 9.86
CA ALA B 215 -24.22 27.05 9.38
C ALA B 215 -24.29 27.01 7.87
N THR B 216 -25.09 27.88 7.24
CA THR B 216 -25.21 27.84 5.77
C THR B 216 -23.94 28.30 5.07
N THR B 217 -23.08 29.04 5.76
CA THR B 217 -21.82 29.46 5.16
C THR B 217 -20.86 28.29 5.17
N PHE B 218 -21.01 27.49 6.21
CA PHE B 218 -20.12 26.41 6.58
C PHE B 218 -20.33 25.20 5.66
N ALA B 219 -21.59 24.92 5.37
CA ALA B 219 -22.00 23.71 4.64
C ALA B 219 -21.28 23.41 3.32
N PRO B 220 -21.20 24.38 2.43
CA PRO B 220 -20.41 24.14 1.20
C PRO B 220 -18.99 23.76 1.47
N PHE B 221 -18.37 24.37 2.47
CA PHE B 221 -16.98 24.02 2.79
C PHE B 221 -16.91 22.56 3.24
N ILE B 222 -17.84 22.16 4.09
CA ILE B 222 -17.74 20.85 4.69
C ILE B 222 -18.09 19.76 3.69
N THR B 223 -19.06 20.01 2.82
CA THR B 223 -19.37 19.02 1.79
C THR B 223 -18.19 18.82 0.79
N GLN B 224 -17.41 19.83 0.46
CA GLN B 224 -16.21 19.57 -0.37
C GLN B 224 -15.35 18.59 0.40
N GLY B 225 -15.23 18.78 1.71
CA GLY B 225 -14.29 17.95 2.52
C GLY B 225 -14.72 16.50 2.65
N ILE B 226 -16.02 16.32 2.79
CA ILE B 226 -16.58 15.02 2.82
C ILE B 226 -16.27 14.24 1.54
N GLY B 227 -16.50 14.87 0.38
CA GLY B 227 -16.07 14.23 -0.85
C GLY B 227 -14.59 13.83 -0.85
N THR B 228 -13.72 14.67 -0.35
CA THR B 228 -12.31 14.28 -0.34
C THR B 228 -12.08 13.02 0.49
N VAL B 229 -12.76 12.95 1.64
CA VAL B 229 -12.51 11.86 2.58
C VAL B 229 -13.08 10.56 2.04
N ALA B 230 -14.29 10.64 1.55
CA ALA B 230 -14.88 9.53 0.83
C ALA B 230 -13.95 8.88 -0.21
N ASP B 231 -13.21 9.68 -0.97
CA ASP B 231 -12.28 9.09 -1.95
C ASP B 231 -11.17 8.35 -1.30
N TRP B 232 -10.91 8.56 -0.02
CA TRP B 232 -9.86 7.77 0.60
C TRP B 232 -10.29 6.37 0.95
N LEU B 233 -11.60 6.11 0.92
CA LEU B 233 -12.07 4.87 1.52
C LEU B 233 -11.68 3.59 0.78
N PRO B 234 -11.74 3.59 -0.56
CA PRO B 234 -11.28 2.35 -1.23
C PRO B 234 -9.83 1.94 -0.89
N GLY B 235 -8.95 2.90 -0.75
CA GLY B 235 -7.60 2.60 -0.37
C GLY B 235 -7.47 2.13 1.04
N TYR B 236 -8.28 2.71 1.92
CA TYR B 236 -8.28 2.28 3.31
C TYR B 236 -8.91 0.85 3.40
N ALA B 237 -9.89 0.58 2.55
CA ALA B 237 -10.40 -0.76 2.41
C ALA B 237 -9.32 -1.75 1.99
N ARG B 238 -8.52 -1.43 0.94
CA ARG B 238 -7.42 -2.33 0.57
C ARG B 238 -6.52 -2.60 1.78
N GLN B 239 -6.22 -1.61 2.58
CA GLN B 239 -5.36 -1.85 3.71
C GLN B 239 -5.98 -2.78 4.69
N ILE B 240 -7.27 -2.60 4.95
CA ILE B 240 -7.97 -3.45 5.95
C ILE B 240 -8.04 -4.87 5.43
N ASP B 241 -8.24 -5.06 4.13
CA ASP B 241 -8.31 -6.42 3.60
C ASP B 241 -6.99 -7.19 3.67
N ASP B 242 -5.83 -6.56 3.44
CA ASP B 242 -4.54 -7.11 3.92
C ASP B 242 -4.52 -6.71 5.33
N GLY B 243 -3.49 -7.04 6.04
CA GLY B 243 -3.47 -6.64 7.44
C GLY B 243 -2.44 -5.58 7.56
N ALA B 244 -2.33 -4.75 6.52
CA ALA B 244 -1.16 -3.89 6.33
C ALA B 244 -1.60 -2.45 6.40
N TYR B 245 -1.05 -1.71 7.36
CA TYR B 245 -1.48 -0.33 7.66
C TYR B 245 -0.31 0.68 7.57
N PRO B 246 0.28 0.83 6.38
CA PRO B 246 1.31 1.83 6.20
C PRO B 246 0.90 3.20 6.68
N ALA B 247 1.86 3.94 7.23
CA ALA B 247 1.61 5.27 7.76
C ALA B 247 1.35 6.32 6.67
N ASP B 248 1.95 6.14 5.49
CA ASP B 248 1.90 7.16 4.44
C ASP B 248 2.04 8.58 4.97
N ASP B 249 3.03 8.81 5.83
CA ASP B 249 3.18 10.14 6.41
C ASP B 249 2.06 10.64 7.32
N ALA B 250 1.04 9.81 7.59
CA ALA B 250 -0.05 10.23 8.49
C ALA B 250 -0.31 9.21 9.61
N ALA B 251 0.71 8.95 10.42
CA ALA B 251 0.64 7.88 11.37
C ALA B 251 -0.22 8.26 12.55
N ILE B 252 -0.72 7.26 13.26
CA ILE B 252 -1.70 7.46 14.33
C ILE B 252 -1.16 8.37 15.40
N ASP B 253 0.13 8.27 15.68
CA ASP B 253 0.82 9.19 16.60
C ASP B 253 0.55 10.62 16.22
N THR B 254 0.81 10.96 14.95
CA THR B 254 0.68 12.35 14.51
C THR B 254 -0.81 12.82 14.57
N HIS B 255 -1.77 11.93 14.35
CA HIS B 255 -3.19 12.28 14.51
C HIS B 255 -3.43 12.82 15.93
N LEU B 256 -2.85 12.12 16.91
CA LEU B 256 -3.11 12.27 18.33
C LEU B 256 -2.86 13.65 18.87
N ALA B 257 -1.76 14.27 18.52
CA ALA B 257 -1.54 15.62 18.93
C ALA B 257 -2.71 16.51 18.45
N THR B 258 -3.07 16.36 17.19
CA THR B 258 -4.11 17.17 16.59
C THR B 258 -5.44 16.89 17.28
N MET B 259 -5.68 15.63 17.70
CA MET B 259 -6.91 15.32 18.37
C MET B 259 -6.95 16.07 19.70
N GLU B 260 -5.80 16.27 20.33
CA GLU B 260 -5.76 16.95 21.62
C GLU B 260 -6.15 18.40 21.37
N HIS B 261 -5.57 19.01 20.35
CA HIS B 261 -5.91 20.36 19.99
C HIS B 261 -7.42 20.52 19.81
N LEU B 262 -8.04 19.61 19.07
CA LEU B 262 -9.46 19.69 18.85
C LEU B 262 -10.21 19.67 20.19
N ILE B 263 -9.73 18.86 21.13
CA ILE B 263 -10.37 18.78 22.43
C ILE B 263 -10.20 20.12 23.18
N HIS B 264 -8.97 20.67 23.17
CA HIS B 264 -8.69 21.91 23.87
C HIS B 264 -9.52 23.02 23.29
N GLU B 265 -9.53 23.09 21.99
CA GLU B 265 -10.37 24.05 21.29
C GLU B 265 -11.83 23.97 21.75
N SER B 266 -12.39 22.79 21.74
CA SER B 266 -13.80 22.64 22.08
C SER B 266 -14.12 23.01 23.54
N GLU B 267 -13.29 22.52 24.46
CA GLU B 267 -13.40 22.88 25.86
C GLU B 267 -13.31 24.39 26.03
N PHE B 268 -12.22 24.96 25.52
CA PHE B 268 -12.02 26.41 25.65
C PHE B 268 -13.13 27.27 25.06
N LEU B 269 -13.78 26.89 23.99
CA LEU B 269 -14.85 27.74 23.45
C LEU B 269 -16.19 27.46 24.11
N GLY B 270 -16.21 26.46 24.98
CA GLY B 270 -17.42 26.13 25.69
C GLY B 270 -18.40 25.35 24.90
N VAL B 271 -17.96 24.67 23.85
CA VAL B 271 -18.89 23.77 23.19
C VAL B 271 -18.67 22.39 23.71
N ASN B 272 -19.56 21.50 23.39
CA ASN B 272 -19.34 20.11 23.71
C ASN B 272 -18.07 19.48 23.20
N ALA B 273 -17.35 18.78 24.04
CA ALA B 273 -16.12 18.10 23.65
C ALA B 273 -16.19 16.56 23.76
N GLU B 274 -17.37 15.98 23.97
CA GLU B 274 -17.42 14.56 24.12
C GLU B 274 -16.96 13.84 22.86
N LEU B 275 -17.45 14.25 21.72
CA LEU B 275 -17.06 13.59 20.48
C LEU B 275 -15.56 13.62 20.23
N PRO B 276 -14.92 14.78 20.30
CA PRO B 276 -13.48 14.79 20.18
C PRO B 276 -12.73 13.91 21.19
N ARG B 277 -13.25 13.82 22.41
CA ARG B 277 -12.64 12.93 23.43
C ARG B 277 -12.78 11.46 23.07
N PHE B 278 -13.99 11.09 22.66
CA PHE B 278 -14.20 9.77 22.11
C PHE B 278 -13.21 9.40 20.99
N ILE B 279 -13.08 10.30 20.05
CA ILE B 279 -12.12 10.11 18.98
C ILE B 279 -10.73 9.86 19.55
N LYS B 280 -10.27 10.66 20.52
CA LYS B 280 -8.89 10.56 21.08
C LYS B 280 -8.80 9.24 21.83
N ALA B 281 -9.86 8.87 22.56
CA ALA B 281 -9.86 7.60 23.29
C ALA B 281 -9.51 6.43 22.36
N LEU B 282 -10.20 6.29 21.23
CA LEU B 282 -9.90 5.16 20.31
C LEU B 282 -8.46 5.23 19.89
N ALA B 283 -7.97 6.37 19.50
CA ALA B 283 -6.58 6.41 19.06
C ALA B 283 -5.58 6.08 20.19
N ASP B 284 -5.93 6.37 21.43
CA ASP B 284 -5.05 6.01 22.54
C ASP B 284 -4.87 4.50 22.61
N ARG B 285 -5.97 3.78 22.54
CA ARG B 285 -5.93 2.35 22.55
C ARG B 285 -4.99 1.81 21.46
N ALA B 286 -5.10 2.33 20.26
CA ALA B 286 -4.27 1.81 19.19
C ALA B 286 -2.81 2.06 19.51
N VAL B 287 -2.54 3.20 20.15
CA VAL B 287 -1.17 3.55 20.47
C VAL B 287 -0.64 2.58 21.52
N ALA B 288 -1.47 2.31 22.51
CA ALA B 288 -1.20 1.32 23.57
C ALA B 288 -1.05 -0.12 23.08
N ASP B 289 -1.50 -0.46 21.88
CA ASP B 289 -1.25 -1.76 21.31
C ASP B 289 -0.10 -1.65 20.31
N GLY B 290 0.70 -0.62 20.43
CA GLY B 290 1.87 -0.45 19.61
C GLY B 290 1.58 -0.18 18.17
N HIS B 291 0.38 0.32 17.87
CA HIS B 291 0.04 0.70 16.51
C HIS B 291 0.27 2.19 16.19
N GLY B 292 0.89 2.91 17.13
CA GLY B 292 1.21 4.33 16.97
C GLY B 292 1.87 4.66 15.65
N GLY B 293 2.66 3.75 15.12
CA GLY B 293 3.36 4.01 13.87
C GLY B 293 2.56 3.68 12.65
N SER B 294 1.40 3.04 12.82
CA SER B 294 0.58 2.65 11.64
C SER B 294 -0.38 3.76 11.15
N GLY B 295 -0.87 3.58 9.93
CA GLY B 295 -1.95 4.38 9.40
C GLY B 295 -3.27 4.24 10.15
N TYR B 296 -4.18 5.18 9.92
CA TYR B 296 -5.42 5.26 10.67
C TYR B 296 -6.18 3.95 10.58
N PRO B 297 -6.14 3.26 9.43
CA PRO B 297 -6.96 2.05 9.33
C PRO B 297 -6.59 0.92 10.29
N ALA B 298 -5.43 0.99 10.92
CA ALA B 298 -5.14 0.07 12.00
C ALA B 298 -6.15 0.11 13.15
N LEU B 299 -6.95 1.16 13.21
CA LEU B 299 -7.93 1.29 14.25
C LEU B 299 -9.06 0.29 14.06
N ILE B 300 -9.12 -0.37 12.91
CA ILE B 300 -10.14 -1.43 12.70
C ILE B 300 -10.08 -2.47 13.84
N GLU B 301 -8.89 -2.72 14.39
CA GLU B 301 -8.76 -3.61 15.55
C GLU B 301 -9.56 -3.15 16.78
N GLN B 302 -9.62 -1.86 16.98
CA GLN B 302 -10.41 -1.31 18.04
C GLN B 302 -11.89 -1.55 17.79
N PHE B 303 -12.29 -1.47 16.53
CA PHE B 303 -13.70 -1.65 16.20
C PHE B 303 -14.15 -3.10 16.16
N ARG B 304 -13.20 -4.02 16.06
CA ARG B 304 -13.46 -5.43 16.19
C ARG B 304 -13.56 -6.02 17.58
N THR B 305 -13.10 -5.34 18.61
CA THR B 305 -13.16 -5.93 19.97
C THR B 305 -13.89 -5.02 20.97
N HIS B 306 -13.76 -5.35 22.26
CA HIS B 306 -14.25 -4.52 23.36
C HIS B 306 -13.65 -5.08 24.67
N HIS C 19 46.85 11.30 12.25
CA HIS C 19 47.03 11.37 13.73
C HIS C 19 48.09 10.35 14.24
N THR C 20 48.09 9.12 13.70
CA THR C 20 48.97 7.98 14.16
C THR C 20 49.59 7.14 13.02
N PRO C 21 50.79 6.56 13.23
CA PRO C 21 51.42 5.83 12.10
C PRO C 21 50.76 4.50 11.78
N VAL C 22 50.72 4.16 10.49
CA VAL C 22 50.12 2.92 10.02
C VAL C 22 50.91 2.31 8.85
N THR C 23 51.04 0.98 8.87
CA THR C 23 51.73 0.26 7.82
C THR C 23 50.71 -0.43 6.91
N VAL C 24 51.03 -0.52 5.61
CA VAL C 24 50.20 -1.24 4.66
C VAL C 24 51.05 -2.24 3.92
N ILE C 25 50.64 -3.50 4.00
CA ILE C 25 51.41 -4.57 3.41
C ILE C 25 50.60 -5.18 2.30
N GLY C 26 51.21 -5.16 1.12
CA GLY C 26 50.59 -5.69 -0.09
C GLY C 26 50.08 -4.52 -0.86
N LEU C 27 50.55 -4.38 -2.09
CA LEU C 27 50.22 -3.23 -2.94
C LEU C 27 49.67 -3.67 -4.28
N GLY C 28 48.69 -4.56 -4.25
CA GLY C 28 47.87 -4.79 -5.42
C GLY C 28 47.06 -3.52 -5.60
N LEU C 29 46.06 -3.58 -6.46
CA LEU C 29 45.30 -2.36 -6.70
C LEU C 29 44.79 -1.85 -5.37
N MET C 30 44.18 -2.79 -4.63
CA MET C 30 43.56 -2.48 -3.35
C MET C 30 44.57 -2.03 -2.29
N GLY C 31 45.73 -2.66 -2.23
CA GLY C 31 46.75 -2.21 -1.30
C GLY C 31 47.11 -0.75 -1.49
N GLN C 32 47.31 -0.38 -2.75
CA GLN C 32 47.62 1.02 -3.09
C GLN C 32 46.53 1.96 -2.62
N ALA C 33 45.29 1.63 -2.97
CA ALA C 33 44.14 2.40 -2.53
C ALA C 33 44.11 2.58 -0.99
N LEU C 34 44.37 1.51 -0.25
CA LEU C 34 44.33 1.58 1.19
C LEU C 34 45.40 2.55 1.68
N ALA C 35 46.61 2.39 1.17
CA ALA C 35 47.73 3.24 1.56
C ALA C 35 47.45 4.68 1.19
N GLY C 36 46.83 4.87 0.02
CA GLY C 36 46.41 6.18 -0.45
C GLY C 36 45.52 6.87 0.57
N ALA C 37 44.46 6.20 0.99
CA ALA C 37 43.56 6.75 1.99
C ALA C 37 44.26 7.11 3.30
N PHE C 38 45.22 6.30 3.73
CA PHE C 38 45.84 6.59 5.01
C PHE C 38 46.72 7.82 4.91
N LEU C 39 47.48 7.94 3.82
CA LEU C 39 48.26 9.16 3.55
C LEU C 39 47.37 10.39 3.43
N GLY C 40 46.34 10.29 2.58
CA GLY C 40 45.37 11.36 2.39
C GLY C 40 44.62 11.82 3.63
N ALA C 41 44.59 11.01 4.68
CA ALA C 41 43.96 11.43 5.92
C ALA C 41 45.03 11.90 6.91
N GLY C 42 46.27 12.06 6.43
CA GLY C 42 47.34 12.59 7.28
C GLY C 42 47.94 11.59 8.25
N HIS C 43 48.15 10.36 7.78
CA HIS C 43 48.84 9.36 8.59
C HIS C 43 50.26 9.20 8.07
N PRO C 44 51.24 9.16 8.99
CA PRO C 44 52.61 8.76 8.59
C PRO C 44 52.62 7.28 8.20
N THR C 45 52.68 7.01 6.90
CA THR C 45 52.35 5.73 6.34
C THR C 45 53.57 5.04 5.78
N THR C 46 53.87 3.85 6.30
CA THR C 46 54.91 2.98 5.74
C THR C 46 54.30 1.85 4.90
N VAL C 47 55.06 1.38 3.92
CA VAL C 47 54.51 0.53 2.87
C VAL C 47 55.51 -0.57 2.45
N TRP C 48 55.00 -1.71 1.99
CA TRP C 48 55.84 -2.83 1.52
C TRP C 48 55.15 -3.67 0.44
N ASN C 49 55.91 -4.13 -0.53
CA ASN C 49 55.39 -5.00 -1.59
C ASN C 49 56.40 -6.03 -2.15
N ARG C 50 55.88 -7.19 -2.59
CA ARG C 50 56.64 -8.25 -3.29
C ARG C 50 57.54 -7.67 -4.41
N THR C 51 56.94 -7.19 -5.50
CA THR C 51 57.72 -6.87 -6.74
C THR C 51 58.64 -5.64 -6.67
N ALA C 66 59.70 0.49 2.50
CA ALA C 66 60.36 -0.28 3.55
C ALA C 66 61.24 -1.43 3.02
N GLY C 67 62.34 -1.71 3.72
CA GLY C 67 63.32 -2.70 3.27
C GLY C 67 62.76 -4.11 3.18
N SER C 68 61.97 -4.47 4.20
CA SER C 68 61.45 -5.81 4.34
C SER C 68 60.11 -5.74 5.05
N VAL C 69 59.46 -6.90 5.14
CA VAL C 69 58.24 -7.02 5.93
C VAL C 69 58.48 -6.71 7.42
N ALA C 70 59.59 -7.19 7.97
CA ALA C 70 59.89 -6.94 9.39
C ALA C 70 60.07 -5.45 9.66
N GLU C 71 60.69 -4.75 8.70
CA GLU C 71 60.91 -3.28 8.78
C GLU C 71 59.54 -2.57 8.78
N ALA C 72 58.67 -2.98 7.85
CA ALA C 72 57.30 -2.44 7.77
C ALA C 72 56.51 -2.65 9.07
N VAL C 73 56.56 -3.84 9.63
CA VAL C 73 55.84 -4.13 10.87
C VAL C 73 56.36 -3.30 12.04
N ALA C 74 57.68 -3.23 12.19
CA ALA C 74 58.31 -2.45 13.26
C ALA C 74 57.98 -0.95 13.20
N ALA C 75 57.64 -0.46 12.01
CA ALA C 75 57.32 0.97 11.80
C ALA C 75 56.09 1.51 12.52
N SER C 76 55.04 0.72 12.73
CA SER C 76 53.78 1.32 13.18
C SER C 76 53.08 0.43 14.20
N PRO C 77 52.29 1.04 15.12
CA PRO C 77 51.51 0.21 16.05
C PRO C 77 50.27 -0.44 15.37
N LEU C 78 49.86 0.07 14.20
CA LEU C 78 48.74 -0.46 13.43
C LEU C 78 49.23 -0.98 12.09
N VAL C 79 49.00 -2.27 11.81
CA VAL C 79 49.53 -2.90 10.59
C VAL C 79 48.41 -3.46 9.76
N VAL C 80 48.29 -3.00 8.53
CA VAL C 80 47.19 -3.43 7.67
C VAL C 80 47.69 -4.29 6.55
N VAL C 81 47.04 -5.43 6.35
CA VAL C 81 47.50 -6.38 5.36
C VAL C 81 46.43 -6.60 4.33
N CYS C 82 46.81 -6.47 3.06
CA CYS C 82 45.91 -6.75 1.98
C CYS C 82 46.63 -7.40 0.84
N VAL C 83 46.42 -8.70 0.67
CA VAL C 83 47.16 -9.48 -0.34
C VAL C 83 46.20 -10.44 -0.98
N SER C 84 46.68 -11.29 -1.88
CA SER C 84 45.75 -12.07 -2.69
C SER C 84 44.94 -13.09 -1.86
N ASP C 85 45.56 -13.77 -0.89
CA ASP C 85 44.85 -14.77 -0.08
C ASP C 85 45.62 -15.13 1.20
N TYR C 86 45.04 -16.01 2.03
CA TYR C 86 45.63 -16.30 3.34
C TYR C 86 46.97 -17.07 3.21
N ASP C 87 47.19 -17.77 2.11
CA ASP C 87 48.48 -18.40 1.84
C ASP C 87 49.57 -17.37 1.75
N ALA C 88 49.29 -16.26 1.07
CA ALA C 88 50.24 -15.13 1.04
C ALA C 88 50.40 -14.53 2.44
N VAL C 89 49.31 -14.43 3.21
CA VAL C 89 49.41 -13.90 4.55
C VAL C 89 50.35 -14.79 5.35
N HIS C 90 50.13 -16.11 5.26
CA HIS C 90 50.99 -17.11 5.87
C HIS C 90 52.45 -16.88 5.49
N ALA C 91 52.70 -16.74 4.20
CA ALA C 91 54.05 -16.61 3.66
C ALA C 91 54.78 -15.34 4.11
N LEU C 92 54.05 -14.25 4.29
CA LEU C 92 54.67 -13.00 4.71
C LEU C 92 54.78 -12.86 6.21
N LEU C 93 53.84 -13.38 6.97
CA LEU C 93 53.82 -13.15 8.40
C LEU C 93 54.42 -14.28 9.27
N ASP C 94 54.25 -15.54 8.86
CA ASP C 94 54.72 -16.66 9.69
C ASP C 94 56.23 -16.57 10.00
N PRO C 95 57.06 -16.21 9.00
CA PRO C 95 58.49 -16.12 9.29
C PRO C 95 58.95 -15.05 10.28
N LEU C 96 58.06 -14.20 10.77
CA LEU C 96 58.48 -13.10 11.65
C LEU C 96 58.92 -13.59 13.02
N ASP C 97 59.94 -12.94 13.61
CA ASP C 97 60.30 -13.09 15.04
C ASP C 97 59.05 -13.04 15.93
N GLY C 98 59.05 -13.83 17.00
CA GLY C 98 57.90 -13.95 17.90
C GLY C 98 57.62 -12.65 18.62
N THR C 99 58.64 -11.80 18.71
CA THR C 99 58.50 -10.49 19.37
C THR C 99 57.88 -9.45 18.43
N ALA C 100 58.09 -9.59 17.12
CA ALA C 100 57.76 -8.55 16.11
C ALA C 100 56.36 -7.93 16.21
N LEU C 101 55.36 -8.71 16.59
CA LEU C 101 53.99 -8.23 16.64
C LEU C 101 53.49 -7.90 18.05
N GLN C 102 54.28 -8.16 19.06
CA GLN C 102 53.87 -7.89 20.46
C GLN C 102 53.38 -6.46 20.68
N GLY C 103 52.25 -6.37 21.38
C GLY C 103 51.34 -4.29 20.27
N ARG C 104 51.16 -4.93 19.13
CA ARG C 104 50.77 -4.27 17.90
C ARG C 104 49.32 -4.76 17.50
N THR C 105 48.58 -3.99 16.68
CA THR C 105 47.26 -4.40 16.18
C THR C 105 47.41 -4.68 14.71
N LEU C 106 47.02 -5.89 14.35
CA LEU C 106 47.10 -6.36 12.98
C LEU C 106 45.68 -6.42 12.42
N VAL C 107 45.48 -5.75 11.28
CA VAL C 107 44.18 -5.74 10.62
C VAL C 107 44.34 -6.40 9.27
N ASN C 108 43.62 -7.50 9.08
CA ASN C 108 43.83 -8.29 7.87
C ASN C 108 42.63 -8.22 6.98
N LEU C 109 42.74 -7.40 5.94
CA LEU C 109 41.63 -7.15 5.03
C LEU C 109 41.64 -8.05 3.79
N THR C 110 42.53 -9.03 3.77
CA THR C 110 42.51 -10.10 2.78
C THR C 110 41.21 -10.92 2.86
N SER C 111 40.72 -11.33 1.70
CA SER C 111 39.54 -12.19 1.61
C SER C 111 39.87 -13.66 1.84
N GLY C 112 39.04 -14.34 2.61
CA GLY C 112 39.24 -15.75 2.87
C GLY C 112 38.10 -16.36 3.64
N THR C 113 38.21 -17.59 4.10
CA THR C 113 37.11 -18.17 4.80
C THR C 113 37.17 -17.84 6.25
N SER C 114 36.04 -18.04 6.91
CA SER C 114 35.95 -17.87 8.33
C SER C 114 37.00 -18.73 9.06
N ALA C 115 37.27 -19.94 8.58
CA ALA C 115 38.22 -20.78 9.27
C ALA C 115 39.60 -20.18 9.15
N GLN C 116 39.89 -19.58 8.01
CA GLN C 116 41.18 -18.92 7.86
C GLN C 116 41.32 -17.72 8.82
N ALA C 117 40.21 -17.01 9.01
CA ALA C 117 40.20 -15.85 9.88
C ALA C 117 40.36 -16.29 11.33
N ARG C 118 39.64 -17.32 11.71
CA ARG C 118 39.72 -17.81 13.07
C ARG C 118 41.13 -18.36 13.39
N GLU C 119 41.80 -18.96 12.41
CA GLU C 119 43.20 -19.42 12.58
C GLU C 119 44.14 -18.27 12.81
N ARG C 120 44.05 -17.26 11.98
CA ARG C 120 44.93 -16.14 12.14
C ARG C 120 44.70 -15.46 13.49
N ALA C 121 43.44 -15.35 13.90
CA ALA C 121 43.16 -14.83 15.21
C ALA C 121 43.92 -15.61 16.30
N ALA C 122 43.83 -16.92 16.28
CA ALA C 122 44.58 -17.73 17.22
C ALA C 122 46.11 -17.50 17.14
N TRP C 123 46.59 -17.47 15.95
CA TRP C 123 48.00 -17.21 15.71
C TRP C 123 48.43 -15.88 16.23
N ALA C 124 47.68 -14.85 15.87
CA ALA C 124 48.00 -13.51 16.31
C ALA C 124 47.98 -13.44 17.84
N ASP C 125 46.97 -14.01 18.47
CA ASP C 125 46.95 -14.04 19.90
C ASP C 125 48.21 -14.74 20.51
N GLY C 126 48.60 -15.88 19.95
CA GLY C 126 49.84 -16.52 20.40
C GLY C 126 51.09 -15.67 20.19
N ARG C 127 51.08 -14.73 19.24
CA ARG C 127 52.20 -13.81 18.98
C ARG C 127 52.05 -12.48 19.78
N GLY C 128 51.10 -12.44 20.75
CA GLY C 128 50.76 -11.23 21.53
C GLY C 128 50.23 -9.97 20.79
N ALA C 129 49.43 -10.17 19.75
CA ALA C 129 48.93 -9.07 18.97
C ALA C 129 47.44 -9.07 19.07
N ASP C 130 46.87 -7.87 18.95
CA ASP C 130 45.45 -7.72 18.71
C ASP C 130 45.22 -7.94 17.24
N TYR C 131 44.10 -8.56 16.94
CA TYR C 131 43.83 -8.93 15.56
C TYR C 131 42.40 -8.57 15.16
N LEU C 132 42.27 -7.83 14.06
CA LEU C 132 40.96 -7.71 13.40
C LEU C 132 41.02 -8.37 12.05
N ASP C 133 39.98 -9.13 11.76
CA ASP C 133 39.86 -9.68 10.44
C ASP C 133 38.78 -8.91 9.71
N GLY C 134 39.10 -8.50 8.49
CA GLY C 134 38.11 -7.88 7.64
C GLY C 134 38.00 -8.34 6.19
N ALA C 135 37.12 -7.64 5.48
CA ALA C 135 36.81 -7.88 4.08
C ALA C 135 36.39 -6.56 3.42
N ILE C 136 36.84 -6.36 2.20
CA ILE C 136 36.48 -5.20 1.41
C ILE C 136 35.41 -5.55 0.38
N LEU C 137 34.24 -4.90 0.42
CA LEU C 137 33.18 -5.15 -0.56
C LEU C 137 33.02 -3.98 -1.52
N ALA C 138 34.08 -3.59 -2.17
CA ALA C 138 34.05 -2.41 -3.01
C ALA C 138 35.31 -2.45 -3.79
N GLY C 139 35.40 -1.64 -4.83
CA GLY C 139 36.59 -1.63 -5.66
C GLY C 139 37.56 -0.65 -5.05
N PRO C 140 38.80 -0.66 -5.55
CA PRO C 140 39.83 0.26 -5.05
C PRO C 140 39.43 1.72 -5.18
N ALA C 141 38.81 2.05 -6.30
CA ALA C 141 38.28 3.38 -6.52
C ALA C 141 37.44 3.90 -5.35
N ALA C 142 36.61 3.05 -4.75
CA ALA C 142 35.71 3.49 -3.67
C ALA C 142 36.39 3.70 -2.31
N ILE C 143 37.62 3.21 -2.15
CA ILE C 143 38.31 3.36 -0.85
C ILE C 143 38.49 4.84 -0.53
N GLY C 144 38.21 5.20 0.73
CA GLY C 144 38.31 6.59 1.14
C GLY C 144 37.10 7.42 0.80
N THR C 145 36.00 6.80 0.36
CA THR C 145 34.76 7.52 0.03
C THR C 145 33.55 6.90 0.72
N ALA C 146 32.40 7.54 0.57
CA ALA C 146 31.18 7.01 1.17
C ALA C 146 30.75 5.70 0.50
N ASP C 147 31.25 5.44 -0.71
CA ASP C 147 30.98 4.17 -1.42
C ASP C 147 31.69 2.96 -0.86
N ALA C 148 32.86 3.18 -0.25
CA ALA C 148 33.60 2.09 0.36
C ALA C 148 32.75 1.36 1.36
N VAL C 149 32.85 0.04 1.31
CA VAL C 149 32.34 -0.84 2.37
C VAL C 149 33.49 -1.72 2.84
N VAL C 150 33.79 -1.63 4.12
CA VAL C 150 34.88 -2.38 4.69
C VAL C 150 34.38 -2.95 5.98
N LEU C 151 34.34 -4.28 6.06
CA LEU C 151 33.81 -4.96 7.24
C LEU C 151 34.95 -5.39 8.16
N LEU C 152 34.72 -5.29 9.46
CA LEU C 152 35.77 -5.58 10.45
C LEU C 152 35.14 -6.38 11.55
N SER C 153 35.86 -7.39 12.04
CA SER C 153 35.36 -8.19 13.13
C SER C 153 36.53 -8.61 14.01
N GLY C 154 36.24 -8.84 15.28
CA GLY C 154 37.26 -8.92 16.28
C GLY C 154 36.87 -8.20 17.54
N PRO C 155 37.69 -8.33 18.57
CA PRO C 155 37.28 -7.76 19.86
C PRO C 155 37.34 -6.22 19.87
N ARG C 156 36.40 -5.61 20.62
CA ARG C 156 36.34 -4.13 20.77
C ARG C 156 37.70 -3.53 21.22
N SER C 157 38.38 -4.24 22.12
CA SER C 157 39.72 -3.84 22.55
C SER C 157 40.74 -3.72 21.36
N ALA C 158 40.51 -4.40 20.24
CA ALA C 158 41.40 -4.25 19.06
C ALA C 158 40.91 -3.15 18.14
N PHE C 159 39.59 -2.93 18.12
CA PHE C 159 39.01 -1.99 17.17
C PHE C 159 38.96 -0.54 17.71
N ASP C 160 38.36 -0.35 18.89
CA ASP C 160 38.15 0.99 19.49
C ASP C 160 39.41 1.87 19.45
N PRO C 161 40.56 1.39 19.96
CA PRO C 161 41.74 2.22 19.85
C PRO C 161 42.13 2.72 18.47
N HIS C 162 41.64 2.11 17.40
CA HIS C 162 42.00 2.57 16.05
C HIS C 162 40.80 2.91 15.20
N ALA C 163 39.66 3.08 15.85
CA ALA C 163 38.42 3.39 15.15
C ALA C 163 38.60 4.60 14.22
N SER C 164 39.22 5.65 14.71
CA SER C 164 39.38 6.84 13.90
C SER C 164 40.23 6.54 12.69
N ALA C 165 41.42 6.00 12.91
CA ALA C 165 42.31 5.70 11.80
C ALA C 165 41.58 4.90 10.70
N LEU C 166 40.88 3.87 11.14
CA LEU C 166 40.24 2.94 10.21
C LEU C 166 39.04 3.56 9.51
N GLY C 167 38.38 4.52 10.17
CA GLY C 167 37.30 5.28 9.55
C GLY C 167 37.80 6.04 8.30
N GLY C 168 39.09 6.34 8.25
CA GLY C 168 39.73 6.93 7.07
C GLY C 168 39.51 6.21 5.77
N LEU C 169 39.12 4.95 5.82
CA LEU C 169 38.88 4.17 4.62
C LEU C 169 37.48 4.41 4.03
N GLY C 170 36.64 5.14 4.76
CA GLY C 170 35.31 5.43 4.27
C GLY C 170 34.28 5.34 5.36
N ALA C 171 33.14 5.99 5.14
CA ALA C 171 32.07 5.99 6.13
C ALA C 171 31.40 4.62 6.13
N GLY C 172 31.58 3.85 5.05
CA GLY C 172 31.05 2.49 5.02
C GLY C 172 31.86 1.47 5.83
N THR C 173 32.97 1.91 6.42
CA THR C 173 33.73 1.09 7.36
C THR C 173 32.90 0.72 8.59
N THR C 174 32.66 -0.56 8.80
CA THR C 174 31.73 -0.96 9.82
C THR C 174 32.25 -2.16 10.64
N TYR C 175 32.06 -2.05 11.95
CA TYR C 175 32.51 -3.02 12.92
C TYR C 175 31.35 -3.91 13.16
N LEU C 176 31.53 -5.22 12.93
CA LEU C 176 30.44 -6.17 12.91
C LEU C 176 30.23 -6.87 14.20
N GLY C 177 31.26 -6.95 15.03
CA GLY C 177 31.18 -7.77 16.28
C GLY C 177 32.44 -8.54 16.62
N ALA C 178 32.36 -9.36 17.65
CA ALA C 178 33.57 -9.91 18.29
C ALA C 178 34.20 -11.07 17.54
N ASP C 179 33.37 -12.00 17.08
CA ASP C 179 33.83 -13.19 16.37
C ASP C 179 34.60 -12.81 15.11
N HIS C 180 35.87 -13.24 15.04
CA HIS C 180 36.70 -12.87 13.90
C HIS C 180 36.20 -13.47 12.59
N GLY C 181 35.31 -14.44 12.67
CA GLY C 181 34.81 -15.02 11.45
C GLY C 181 33.76 -14.20 10.70
N LEU C 182 33.18 -13.19 11.33
CA LEU C 182 31.98 -12.53 10.79
C LEU C 182 32.24 -11.80 9.49
N ALA C 183 33.35 -11.09 9.37
CA ALA C 183 33.55 -10.41 8.12
C ALA C 183 33.51 -11.41 6.93
N SER C 184 34.11 -12.58 7.08
CA SER C 184 34.18 -13.59 6.02
C SER C 184 32.79 -14.09 5.67
N LEU C 185 32.01 -14.37 6.69
CA LEU C 185 30.64 -14.79 6.52
C LEU C 185 29.74 -13.74 5.86
N TYR C 186 29.89 -12.48 6.22
CA TYR C 186 29.17 -11.42 5.55
C TYR C 186 29.57 -11.30 4.10
N ASP C 187 30.86 -11.38 3.85
CA ASP C 187 31.42 -11.29 2.51
C ASP C 187 30.83 -12.49 1.68
N ALA C 188 30.78 -13.68 2.27
CA ALA C 188 30.18 -14.81 1.61
C ALA C 188 28.69 -14.58 1.30
N ALA C 189 27.94 -14.07 2.25
CA ALA C 189 26.51 -13.80 1.98
C ALA C 189 26.35 -12.80 0.84
N GLY C 190 27.17 -11.75 0.83
CA GLY C 190 27.15 -10.75 -0.21
C GLY C 190 27.53 -11.31 -1.56
N LEU C 191 28.60 -12.10 -1.63
CA LEU C 191 29.02 -12.73 -2.90
C LEU C 191 28.01 -13.73 -3.47
N VAL C 192 27.44 -14.59 -2.64
CA VAL C 192 26.51 -15.54 -3.16
C VAL C 192 25.27 -14.82 -3.71
N MET C 193 24.89 -13.71 -3.09
CA MET C 193 23.74 -12.95 -3.53
C MET C 193 24.10 -12.30 -4.84
N MET C 194 25.35 -11.84 -4.94
CA MET C 194 25.77 -11.13 -6.13
C MET C 194 25.70 -12.07 -7.33
N TRP C 195 26.35 -13.23 -7.23
CA TRP C 195 26.34 -14.21 -8.30
C TRP C 195 24.96 -14.71 -8.57
N SER C 196 24.15 -14.82 -7.53
CA SER C 196 22.81 -15.23 -7.72
C SER C 196 22.05 -14.27 -8.66
N ILE C 197 22.27 -12.99 -8.47
CA ILE C 197 21.52 -11.99 -9.20
C ILE C 197 22.03 -11.93 -10.62
N LEU C 198 23.35 -11.98 -10.78
CA LEU C 198 23.89 -11.90 -12.11
C LEU C 198 23.43 -13.10 -12.91
N ASN C 199 23.40 -14.26 -12.29
CA ASN C 199 22.94 -15.44 -12.97
C ASN C 199 21.45 -15.42 -13.33
N GLY C 200 20.61 -14.94 -12.42
CA GLY C 200 19.22 -14.72 -12.77
C GLY C 200 19.03 -13.73 -13.90
N PHE C 201 19.81 -12.68 -13.90
CA PHE C 201 19.81 -11.71 -14.99
C PHE C 201 20.17 -12.37 -16.32
N LEU C 202 21.25 -13.13 -16.36
CA LEU C 202 21.69 -13.80 -17.60
C LEU C 202 20.64 -14.80 -18.12
N GLN C 203 20.03 -15.56 -17.22
CA GLN C 203 19.00 -16.50 -17.61
C GLN C 203 17.87 -15.74 -18.26
N GLY C 204 17.52 -14.58 -17.70
CA GLY C 204 16.44 -13.77 -18.25
C GLY C 204 16.82 -13.18 -19.58
N ALA C 205 18.03 -12.66 -19.68
CA ALA C 205 18.50 -12.11 -20.94
C ALA C 205 18.50 -13.20 -22.04
N ALA C 206 18.91 -14.41 -21.72
CA ALA C 206 18.91 -15.47 -22.70
C ALA C 206 17.53 -15.82 -23.15
N LEU C 207 16.59 -15.90 -22.21
CA LEU C 207 15.21 -16.20 -22.56
C LEU C 207 14.62 -15.12 -23.51
N LEU C 208 14.70 -13.86 -23.10
CA LEU C 208 14.15 -12.77 -23.89
C LEU C 208 14.92 -12.59 -25.17
N GLY C 209 16.18 -12.95 -25.17
CA GLY C 209 16.92 -12.90 -26.40
C GLY C 209 16.30 -13.75 -27.47
N THR C 210 15.62 -14.83 -27.11
CA THR C 210 15.16 -15.73 -28.12
C THR C 210 14.13 -15.06 -29.03
N ALA C 211 13.48 -14.04 -28.51
CA ALA C 211 12.47 -13.29 -29.25
C ALA C 211 13.04 -11.96 -29.71
N GLY C 212 14.33 -11.82 -29.71
CA GLY C 212 14.95 -10.61 -30.20
C GLY C 212 14.87 -9.42 -29.27
N VAL C 213 14.38 -9.55 -28.05
CA VAL C 213 14.51 -8.41 -27.14
C VAL C 213 15.92 -8.25 -26.59
N ASP C 214 16.47 -7.05 -26.72
CA ASP C 214 17.82 -6.72 -26.28
C ASP C 214 17.88 -6.70 -24.79
N ALA C 215 19.09 -6.98 -24.30
CA ALA C 215 19.39 -6.90 -22.88
C ALA C 215 19.13 -5.51 -22.32
N THR C 216 19.51 -4.44 -23.05
CA THR C 216 19.26 -3.07 -22.53
C THR C 216 17.77 -2.71 -22.44
N THR C 217 16.92 -3.39 -23.20
CA THR C 217 15.47 -3.13 -23.12
C THR C 217 14.91 -3.77 -21.88
N PHE C 218 15.49 -4.92 -21.56
CA PHE C 218 15.09 -5.81 -20.47
C PHE C 218 15.48 -5.21 -19.09
N ALA C 219 16.72 -4.65 -19.01
CA ALA C 219 17.32 -4.23 -17.72
C ALA C 219 16.44 -3.35 -16.80
N PRO C 220 15.85 -2.28 -17.35
CA PRO C 220 14.98 -1.45 -16.50
C PRO C 220 13.86 -2.22 -15.91
N PHE C 221 13.32 -3.15 -16.66
CA PHE C 221 12.23 -4.00 -16.12
C PHE C 221 12.74 -4.81 -14.95
N ILE C 222 13.89 -5.45 -15.15
CA ILE C 222 14.35 -6.41 -14.16
C ILE C 222 14.84 -5.68 -12.89
N THR C 223 15.46 -4.52 -13.04
CA THR C 223 15.85 -3.74 -11.84
C THR C 223 14.65 -3.25 -11.04
N GLN C 224 13.54 -2.91 -11.67
CA GLN C 224 12.35 -2.61 -10.85
C GLN C 224 12.05 -3.85 -9.99
N GLY C 225 12.13 -5.02 -10.60
CA GLY C 225 11.64 -6.24 -9.95
C GLY C 225 12.50 -6.63 -8.79
N ILE C 226 13.79 -6.44 -8.98
CA ILE C 226 14.73 -6.68 -7.92
C ILE C 226 14.38 -5.83 -6.69
N GLY C 227 14.11 -4.54 -6.90
CA GLY C 227 13.72 -3.71 -5.80
C GLY C 227 12.50 -4.27 -5.08
N THR C 228 11.53 -4.74 -5.82
CA THR C 228 10.35 -5.23 -5.17
C THR C 228 10.65 -6.43 -4.28
N VAL C 229 11.52 -7.32 -4.76
CA VAL C 229 11.82 -8.58 -4.06
C VAL C 229 12.65 -8.29 -2.81
N ALA C 230 13.68 -7.45 -2.98
CA ALA C 230 14.44 -6.91 -1.86
C ALA C 230 13.55 -6.44 -0.71
N ASP C 231 12.44 -5.72 -1.00
CA ASP C 231 11.56 -5.24 0.09
C ASP C 231 10.87 -6.36 0.80
N TRP C 232 10.85 -7.56 0.24
CA TRP C 232 10.23 -8.66 0.98
C TRP C 232 11.17 -9.24 2.01
N LEU C 233 12.47 -8.94 1.92
CA LEU C 233 13.44 -9.67 2.75
C LEU C 233 13.35 -9.43 4.30
N PRO C 234 13.14 -8.18 4.75
CA PRO C 234 12.98 -8.01 6.18
C PRO C 234 11.90 -8.87 6.77
N GLY C 235 10.81 -8.98 6.07
CA GLY C 235 9.74 -9.82 6.59
C GLY C 235 10.07 -11.29 6.53
N TYR C 236 10.79 -11.70 5.49
CA TYR C 236 11.21 -13.09 5.38
C TYR C 236 12.24 -13.39 6.48
N ALA C 237 13.06 -12.39 6.78
CA ALA C 237 13.98 -12.52 7.91
C ALA C 237 13.21 -12.76 9.20
N ARG C 238 12.16 -11.96 9.48
CA ARG C 238 11.38 -12.19 10.70
C ARG C 238 10.86 -13.61 10.74
N GLN C 239 10.43 -14.13 9.60
CA GLN C 239 9.89 -15.50 9.63
C GLN C 239 10.95 -16.51 9.96
N ILE C 240 12.14 -16.34 9.39
CA ILE C 240 13.24 -17.25 9.66
C ILE C 240 13.68 -17.17 11.14
N ASP C 241 13.68 -15.98 11.73
CA ASP C 241 14.08 -15.85 13.13
C ASP C 241 13.11 -16.48 14.13
N ASP C 242 11.80 -16.44 13.89
CA ASP C 242 10.88 -17.39 14.50
C ASP C 242 11.01 -18.61 13.65
N GLY C 243 10.29 -19.65 13.96
CA GLY C 243 10.39 -20.84 13.10
C GLY C 243 9.10 -20.93 12.36
N ALA C 244 8.55 -19.78 12.00
CA ALA C 244 7.15 -19.66 11.55
C ALA C 244 7.12 -19.17 10.12
N TYR C 245 6.57 -20.01 9.22
CA TYR C 245 6.56 -19.74 7.78
C TYR C 245 5.14 -19.67 7.16
N PRO C 246 4.35 -18.66 7.57
CA PRO C 246 2.99 -18.53 7.05
C PRO C 246 3.01 -18.45 5.55
N ALA C 247 1.99 -19.03 4.92
CA ALA C 247 1.88 -19.02 3.47
C ALA C 247 1.56 -17.65 2.88
N ASP C 248 0.81 -16.82 3.62
CA ASP C 248 0.28 -15.53 3.08
C ASP C 248 -0.24 -15.63 1.63
N ASP C 249 -1.08 -16.63 1.35
CA ASP C 249 -1.56 -16.88 -0.01
C ASP C 249 -0.47 -17.23 -1.02
N ALA C 250 0.81 -17.38 -0.63
CA ALA C 250 1.90 -17.72 -1.59
C ALA C 250 2.71 -18.94 -1.16
N ALA C 251 2.01 -20.05 -0.97
CA ALA C 251 2.64 -21.22 -0.42
C ALA C 251 3.53 -21.91 -1.43
N ILE C 252 4.45 -22.71 -0.92
CA ILE C 252 5.48 -23.36 -1.76
C ILE C 252 4.84 -24.23 -2.82
N ASP C 253 3.73 -24.87 -2.49
CA ASP C 253 2.95 -25.65 -3.48
C ASP C 253 2.65 -24.79 -4.71
N THR C 254 2.08 -23.62 -4.50
CA THR C 254 1.66 -22.79 -5.60
C THR C 254 2.85 -22.31 -6.46
N HIS C 255 4.03 -22.13 -5.87
CA HIS C 255 5.25 -21.80 -6.64
C HIS C 255 5.50 -22.87 -7.73
N LEU C 256 5.28 -24.11 -7.34
CA LEU C 256 5.68 -25.31 -8.07
C LEU C 256 5.31 -25.41 -9.54
N ALA C 257 4.05 -25.18 -9.82
CA ALA C 257 3.55 -25.19 -11.20
C ALA C 257 4.32 -24.18 -12.03
N THR C 258 4.49 -22.98 -11.49
CA THR C 258 5.19 -21.95 -12.19
C THR C 258 6.64 -22.33 -12.43
N MET C 259 7.29 -23.02 -11.48
CA MET C 259 8.67 -23.42 -11.67
C MET C 259 8.76 -24.43 -12.80
N GLU C 260 7.72 -25.26 -12.98
CA GLU C 260 7.74 -26.26 -14.05
C GLU C 260 7.65 -25.55 -15.39
N HIS C 261 6.74 -24.58 -15.47
CA HIS C 261 6.67 -23.73 -16.66
C HIS C 261 7.99 -23.11 -17.05
N LEU C 262 8.70 -22.53 -16.09
CA LEU C 262 10.00 -21.93 -16.36
C LEU C 262 10.98 -22.94 -16.94
N ILE C 263 10.89 -24.17 -16.47
CA ILE C 263 11.75 -25.21 -17.02
C ILE C 263 11.38 -25.55 -18.44
N HIS C 264 10.09 -25.74 -18.68
CA HIS C 264 9.59 -26.15 -20.01
C HIS C 264 9.91 -25.06 -21.03
N GLU C 265 9.67 -23.85 -20.63
CA GLU C 265 10.03 -22.73 -21.42
C GLU C 265 11.50 -22.76 -21.82
N SER C 266 12.38 -22.94 -20.85
CA SER C 266 13.78 -22.89 -21.12
C SER C 266 14.24 -24.03 -22.04
N GLU C 267 13.79 -25.24 -21.74
CA GLU C 267 14.10 -26.41 -22.57
C GLU C 267 13.62 -26.19 -23.97
N PHE C 268 12.33 -25.86 -24.12
CA PHE C 268 11.74 -25.61 -25.44
C PHE C 268 12.40 -24.53 -26.29
N LEU C 269 12.88 -23.45 -25.71
CA LEU C 269 13.54 -22.44 -26.53
C LEU C 269 15.01 -22.75 -26.77
N GLY C 270 15.49 -23.80 -26.14
CA GLY C 270 16.86 -24.19 -26.32
C GLY C 270 17.86 -23.39 -25.55
N VAL C 271 17.43 -22.73 -24.48
CA VAL C 271 18.42 -22.07 -23.64
C VAL C 271 18.67 -23.00 -22.46
N ASN C 272 19.71 -22.69 -21.71
CA ASN C 272 20.02 -23.49 -20.56
C ASN C 272 18.92 -23.57 -19.53
N ALA C 273 18.62 -24.77 -19.04
CA ALA C 273 17.59 -24.94 -18.01
C ALA C 273 18.12 -25.43 -16.66
N GLU C 274 19.44 -25.42 -16.43
CA GLU C 274 19.96 -25.95 -15.16
C GLU C 274 19.50 -25.15 -13.97
N LEU C 275 19.62 -23.84 -14.08
CA LEU C 275 19.17 -23.00 -12.99
C LEU C 275 17.70 -23.20 -12.62
N PRO C 276 16.77 -23.14 -13.61
CA PRO C 276 15.37 -23.42 -13.25
C PRO C 276 15.12 -24.80 -12.66
N ARG C 277 15.85 -25.81 -13.13
CA ARG C 277 15.76 -27.15 -12.53
C ARG C 277 16.26 -27.19 -11.08
N PHE C 278 17.42 -26.57 -10.84
CA PHE C 278 17.88 -26.39 -9.48
C PHE C 278 16.85 -25.74 -8.57
N ILE C 279 16.30 -24.63 -9.01
CA ILE C 279 15.24 -23.96 -8.27
C ILE C 279 14.09 -24.92 -7.92
N LYS C 280 13.61 -25.70 -8.89
CA LYS C 280 12.50 -26.62 -8.67
C LYS C 280 12.96 -27.76 -7.75
N ALA C 281 14.19 -28.28 -7.95
CA ALA C 281 14.72 -29.33 -7.04
C ALA C 281 14.59 -28.92 -5.56
N LEU C 282 15.07 -27.73 -5.19
CA LEU C 282 14.93 -27.33 -3.79
C LEU C 282 13.49 -27.32 -3.35
N ALA C 283 12.60 -26.75 -4.13
CA ALA C 283 11.21 -26.71 -3.68
C ALA C 283 10.58 -28.10 -3.57
N ASP C 284 11.04 -29.06 -4.37
CA ASP C 284 10.54 -30.44 -4.27
C ASP C 284 10.87 -31.05 -2.90
N ARG C 285 12.12 -30.90 -2.48
CA ARG C 285 12.53 -31.32 -1.16
C ARG C 285 11.66 -30.71 -0.04
N ALA C 286 11.39 -29.42 -0.10
CA ALA C 286 10.56 -28.83 0.94
C ALA C 286 9.16 -29.44 0.95
N VAL C 287 8.66 -29.75 -0.23
CA VAL C 287 7.33 -30.33 -0.34
C VAL C 287 7.34 -31.71 0.29
N ALA C 288 8.39 -32.49 -0.03
CA ALA C 288 8.62 -33.83 0.50
C ALA C 288 8.84 -33.88 2.01
N ASP C 289 9.15 -32.76 2.65
CA ASP C 289 9.25 -32.72 4.11
C ASP C 289 8.00 -32.09 4.67
N GLY C 290 6.93 -32.11 3.88
CA GLY C 290 5.65 -31.62 4.33
C GLY C 290 5.60 -30.14 4.54
N HIS C 291 6.49 -29.38 3.89
CA HIS C 291 6.43 -27.92 3.97
C HIS C 291 5.67 -27.26 2.81
N GLY C 292 5.04 -28.08 1.96
CA GLY C 292 4.27 -27.61 0.83
C GLY C 292 3.35 -26.45 1.18
N GLY C 293 2.80 -26.48 2.38
CA GLY C 293 1.84 -25.46 2.79
C GLY C 293 2.47 -24.19 3.30
N SER C 294 3.78 -24.19 3.51
CA SER C 294 4.45 -23.02 4.12
C SER C 294 4.89 -21.99 3.09
N GLY C 295 5.15 -20.79 3.57
CA GLY C 295 5.78 -19.75 2.76
C GLY C 295 7.17 -20.15 2.28
N TYR C 296 7.68 -19.40 1.31
CA TYR C 296 8.96 -19.71 0.66
C TYR C 296 10.11 -19.81 1.72
N PRO C 297 10.08 -18.97 2.77
CA PRO C 297 11.21 -19.00 3.71
C PRO C 297 11.39 -20.32 4.44
N ALA C 298 10.42 -21.20 4.40
CA ALA C 298 10.64 -22.55 4.93
C ALA C 298 11.75 -23.32 4.23
N LEU C 299 12.15 -22.83 3.09
CA LEU C 299 13.24 -23.44 2.37
C LEU C 299 14.58 -23.24 3.06
N ILE C 300 14.65 -22.36 4.07
CA ILE C 300 15.88 -22.22 4.85
C ILE C 300 16.37 -23.57 5.42
N GLU C 301 15.44 -24.48 5.74
CA GLU C 301 15.83 -25.84 6.12
C GLU C 301 16.63 -26.62 5.07
N GLN C 302 16.34 -26.39 3.82
CA GLN C 302 17.09 -26.99 2.74
C GLN C 302 18.48 -26.39 2.65
N PHE C 303 18.59 -25.09 2.92
CA PHE C 303 19.90 -24.44 2.89
C PHE C 303 20.80 -24.72 4.12
N ARG C 304 20.21 -25.20 5.20
CA ARG C 304 20.91 -25.65 6.35
C ARG C 304 21.43 -27.07 6.36
N THR C 305 20.95 -27.95 5.49
CA THR C 305 21.40 -29.37 5.50
C THR C 305 22.14 -29.70 4.21
N HIS C 306 22.34 -30.99 3.98
CA HIS C 306 22.75 -31.55 2.69
C HIS C 306 22.59 -33.08 2.85
N ARG D 10 -8.08 15.80 -20.52
CA ARG D 10 -9.33 15.00 -20.71
C ARG D 10 -9.07 13.63 -21.46
N MET D 11 -10.02 12.71 -21.30
CA MET D 11 -10.17 11.56 -22.18
C MET D 11 -11.52 11.85 -22.87
N MET D 12 -11.82 11.26 -24.02
CA MET D 12 -13.10 11.60 -24.68
C MET D 12 -14.28 10.74 -24.13
N ARG D 13 -15.48 10.87 -24.73
CA ARG D 13 -16.70 10.16 -24.26
C ARG D 13 -16.71 8.67 -24.69
N ASN D 14 -16.15 8.40 -25.87
CA ASN D 14 -15.85 7.04 -26.33
C ASN D 14 -14.76 6.34 -25.47
N GLN D 15 -13.92 7.15 -24.81
CA GLN D 15 -12.83 6.72 -23.92
C GLN D 15 -13.22 6.80 -22.42
N GLN D 16 -14.48 7.17 -22.12
CA GLN D 16 -15.02 7.15 -20.75
C GLN D 16 -15.44 5.68 -20.37
N ALA D 17 -15.01 5.23 -19.18
CA ALA D 17 -15.23 3.85 -18.74
C ALA D 17 -16.70 3.52 -18.75
N GLU D 18 -17.49 4.45 -18.23
CA GLU D 18 -18.96 4.32 -18.23
C GLU D 18 -19.46 3.79 -19.59
N HIS D 19 -18.71 3.98 -20.66
CA HIS D 19 -19.22 3.55 -21.93
C HIS D 19 -18.51 2.32 -22.48
N THR D 20 -17.55 1.66 -21.78
CA THR D 20 -16.97 0.43 -22.31
C THR D 20 -17.22 -0.81 -21.48
N PRO D 21 -18.15 -1.64 -21.90
CA PRO D 21 -18.37 -2.89 -21.21
C PRO D 21 -17.23 -3.88 -21.33
N VAL D 22 -16.97 -4.62 -20.23
CA VAL D 22 -15.92 -5.63 -20.16
C VAL D 22 -16.36 -6.86 -19.37
N THR D 23 -16.00 -8.05 -19.88
CA THR D 23 -16.29 -9.31 -19.25
C THR D 23 -15.03 -9.84 -18.58
N VAL D 24 -15.22 -10.50 -17.42
CA VAL D 24 -14.11 -11.13 -16.73
C VAL D 24 -14.48 -12.56 -16.52
N ILE D 25 -13.63 -13.46 -17.00
CA ILE D 25 -13.90 -14.88 -16.90
C ILE D 25 -12.87 -15.53 -16.02
N GLY D 26 -13.38 -16.18 -14.98
CA GLY D 26 -12.53 -16.74 -13.96
C GLY D 26 -12.53 -15.81 -12.78
N LEU D 27 -12.95 -16.31 -11.60
CA LEU D 27 -13.00 -15.52 -10.37
C LEU D 27 -12.24 -16.12 -9.20
N GLY D 28 -11.00 -16.52 -9.42
CA GLY D 28 -10.10 -16.85 -8.34
C GLY D 28 -9.77 -15.53 -7.73
N LEU D 29 -8.75 -15.51 -6.89
CA LEU D 29 -8.49 -14.29 -6.19
C LEU D 29 -8.29 -13.19 -7.21
N MET D 30 -7.43 -13.52 -8.18
CA MET D 30 -7.02 -12.57 -9.23
C MET D 30 -8.16 -12.17 -10.17
N GLY D 31 -8.99 -13.10 -10.55
CA GLY D 31 -10.18 -12.78 -11.29
C GLY D 31 -11.03 -11.73 -10.57
N GLN D 32 -11.29 -11.94 -9.29
CA GLN D 32 -12.12 -11.01 -8.52
C GLN D 32 -11.49 -9.64 -8.51
N ALA D 33 -10.19 -9.59 -8.26
CA ALA D 33 -9.48 -8.35 -8.29
C ALA D 33 -9.58 -7.64 -9.63
N LEU D 34 -9.45 -8.39 -10.72
CA LEU D 34 -9.55 -7.78 -12.03
C LEU D 34 -10.92 -7.19 -12.24
N ALA D 35 -11.95 -7.94 -11.94
CA ALA D 35 -13.31 -7.47 -12.08
C ALA D 35 -13.54 -6.26 -11.20
N GLY D 36 -12.93 -6.28 -10.01
CA GLY D 36 -13.06 -5.21 -9.04
C GLY D 36 -12.58 -3.90 -9.60
N ALA D 37 -11.40 -3.95 -10.16
CA ALA D 37 -10.87 -2.77 -10.80
C ALA D 37 -11.73 -2.28 -11.96
N PHE D 38 -12.31 -3.16 -12.73
CA PHE D 38 -13.05 -2.67 -13.87
C PHE D 38 -14.32 -1.95 -13.39
N LEU D 39 -14.99 -2.55 -12.40
CA LEU D 39 -16.16 -1.91 -11.76
C LEU D 39 -15.80 -0.57 -11.11
N GLY D 40 -14.75 -0.58 -10.30
CA GLY D 40 -14.24 0.63 -9.67
C GLY D 40 -13.82 1.78 -10.59
N ALA D 41 -13.57 1.48 -11.85
CA ALA D 41 -13.20 2.52 -12.77
C ALA D 41 -14.41 2.87 -13.61
N GLY D 42 -15.57 2.34 -13.28
CA GLY D 42 -16.79 2.71 -13.99
C GLY D 42 -17.22 1.88 -15.14
N HIS D 43 -16.71 0.67 -15.28
CA HIS D 43 -17.06 -0.13 -16.48
C HIS D 43 -18.27 -1.01 -16.19
N PRO D 44 -19.20 -1.07 -17.11
CA PRO D 44 -20.27 -2.04 -16.95
C PRO D 44 -19.64 -3.44 -17.12
N THR D 45 -19.51 -4.15 -16.02
CA THR D 45 -18.74 -5.34 -15.95
C THR D 45 -19.58 -6.60 -15.79
N THR D 46 -19.47 -7.54 -16.73
CA THR D 46 -20.10 -8.86 -16.63
C THR D 46 -19.09 -9.89 -16.19
N VAL D 47 -19.53 -10.92 -15.50
CA VAL D 47 -18.64 -11.83 -14.81
C VAL D 47 -19.12 -13.30 -14.92
N TRP D 48 -18.20 -14.27 -14.86
CA TRP D 48 -18.53 -15.71 -14.90
C TRP D 48 -17.48 -16.58 -14.17
N ASN D 49 -17.96 -17.61 -13.46
CA ASN D 49 -17.10 -18.51 -12.74
C ASN D 49 -17.65 -19.92 -12.75
N ARG D 50 -16.72 -20.90 -12.74
CA ARG D 50 -17.04 -22.33 -12.54
C ARG D 50 -18.06 -22.44 -11.40
N THR D 51 -17.66 -22.10 -10.19
CA THR D 51 -18.60 -21.98 -9.10
C THR D 51 -19.17 -20.54 -8.95
N ALA D 52 -20.35 -20.29 -9.51
CA ALA D 52 -21.03 -18.99 -9.29
C ALA D 52 -21.12 -18.85 -7.78
N GLU D 56 -20.19 -12.75 -6.51
CA GLU D 56 -21.15 -12.38 -5.47
C GLU D 56 -20.84 -11.08 -4.79
N PRO D 57 -19.72 -11.00 -4.11
CA PRO D 57 -19.10 -9.71 -3.81
C PRO D 57 -19.10 -8.74 -4.97
N LEU D 58 -18.91 -9.22 -6.19
CA LEU D 58 -18.83 -8.31 -7.30
C LEU D 58 -20.22 -7.89 -7.74
N VAL D 59 -21.20 -8.78 -7.70
CA VAL D 59 -22.55 -8.32 -8.10
C VAL D 59 -23.09 -7.39 -7.00
N ALA D 60 -22.57 -7.54 -5.80
CA ALA D 60 -22.86 -6.63 -4.69
C ALA D 60 -22.44 -5.22 -5.09
N ARG D 61 -21.23 -5.10 -5.67
CA ARG D 61 -20.78 -3.83 -6.26
C ARG D 61 -21.34 -3.45 -7.63
N GLY D 62 -22.35 -4.10 -8.15
CA GLY D 62 -22.90 -3.67 -9.48
C GLY D 62 -22.61 -4.56 -10.71
N ALA D 63 -21.79 -5.61 -10.58
CA ALA D 63 -21.52 -6.47 -11.72
C ALA D 63 -22.76 -7.25 -12.15
N LYS D 64 -22.83 -7.66 -13.41
CA LYS D 64 -23.92 -8.53 -13.84
C LYS D 64 -23.25 -9.89 -13.87
N SER D 65 -23.95 -10.89 -13.40
CA SER D 65 -23.46 -12.27 -13.33
C SER D 65 -24.07 -13.07 -14.41
N ALA D 66 -23.33 -13.98 -14.99
CA ALA D 66 -23.74 -14.51 -16.27
C ALA D 66 -24.05 -16.00 -16.22
N GLY D 67 -25.01 -16.39 -17.04
CA GLY D 67 -25.49 -17.77 -17.03
C GLY D 67 -24.43 -18.80 -17.39
N SER D 68 -23.65 -18.46 -18.40
CA SER D 68 -22.70 -19.37 -19.00
C SER D 68 -21.53 -18.57 -19.55
N VAL D 69 -20.51 -19.29 -19.99
CA VAL D 69 -19.37 -18.67 -20.66
C VAL D 69 -19.79 -17.97 -21.95
N ALA D 70 -20.68 -18.59 -22.71
CA ALA D 70 -21.13 -17.95 -23.93
C ALA D 70 -21.89 -16.66 -23.69
N GLU D 71 -22.67 -16.62 -22.62
CA GLU D 71 -23.43 -15.41 -22.22
C GLU D 71 -22.45 -14.31 -21.83
N ALA D 72 -21.43 -14.67 -21.07
CA ALA D 72 -20.40 -13.70 -20.70
C ALA D 72 -19.67 -13.11 -21.89
N VAL D 73 -19.30 -13.97 -22.83
CA VAL D 73 -18.57 -13.53 -24.00
C VAL D 73 -19.43 -12.58 -24.84
N ALA D 74 -20.69 -12.94 -25.04
CA ALA D 74 -21.64 -12.12 -25.83
C ALA D 74 -21.91 -10.73 -25.22
N ALA D 75 -21.69 -10.60 -23.90
CA ALA D 75 -21.95 -9.32 -23.16
C ALA D 75 -21.07 -8.13 -23.50
N SER D 76 -19.81 -8.35 -23.88
CA SER D 76 -18.91 -7.21 -24.00
C SER D 76 -17.95 -7.34 -25.17
N PRO D 77 -17.52 -6.23 -25.73
CA PRO D 77 -16.56 -6.32 -26.82
C PRO D 77 -15.12 -6.65 -26.34
N LEU D 78 -14.86 -6.43 -25.04
CA LEU D 78 -13.56 -6.75 -24.44
C LEU D 78 -13.73 -7.88 -23.43
N VAL D 79 -13.05 -9.01 -23.62
CA VAL D 79 -13.22 -10.20 -22.80
C VAL D 79 -11.91 -10.55 -22.11
N VAL D 80 -11.88 -10.51 -20.77
CA VAL D 80 -10.66 -10.78 -20.04
C VAL D 80 -10.74 -12.13 -19.37
N VAL D 81 -9.70 -12.92 -19.49
CA VAL D 81 -9.69 -14.25 -18.94
C VAL D 81 -8.57 -14.40 -17.96
N CYS D 82 -8.92 -14.86 -16.76
CA CYS D 82 -7.91 -15.15 -15.75
C CYS D 82 -8.23 -16.39 -14.98
N VAL D 83 -7.56 -17.49 -15.29
CA VAL D 83 -7.90 -18.80 -14.71
C VAL D 83 -6.61 -19.49 -14.36
N SER D 84 -6.70 -20.72 -13.88
CA SER D 84 -5.50 -21.32 -13.25
C SER D 84 -4.42 -21.58 -14.27
N ASP D 85 -4.77 -22.03 -15.48
CA ASP D 85 -3.73 -22.33 -16.51
C ASP D 85 -4.36 -22.50 -17.90
N TYR D 86 -3.53 -22.73 -18.94
CA TYR D 86 -4.00 -22.72 -20.35
C TYR D 86 -4.92 -23.92 -20.61
N ASP D 87 -4.76 -25.00 -19.84
CA ASP D 87 -5.72 -26.12 -19.93
C ASP D 87 -7.10 -25.69 -19.59
N ALA D 88 -7.25 -24.87 -18.54
CA ALA D 88 -8.58 -24.31 -18.22
C ALA D 88 -9.05 -23.38 -19.31
N VAL D 89 -8.11 -22.61 -19.88
CA VAL D 89 -8.50 -21.70 -20.95
C VAL D 89 -9.09 -22.54 -22.06
N HIS D 90 -8.35 -23.59 -22.42
CA HIS D 90 -8.80 -24.56 -23.44
C HIS D 90 -10.20 -25.04 -23.12
N ALA D 91 -10.40 -25.44 -21.88
CA ALA D 91 -11.67 -26.07 -21.47
C ALA D 91 -12.88 -25.11 -21.54
N LEU D 92 -12.64 -23.83 -21.29
CA LEU D 92 -13.72 -22.88 -21.28
C LEU D 92 -13.98 -22.31 -22.63
N LEU D 93 -12.94 -22.09 -23.41
CA LEU D 93 -13.09 -21.35 -24.66
C LEU D 93 -13.25 -22.24 -25.94
N ASP D 94 -12.60 -23.41 -25.98
CA ASP D 94 -12.64 -24.23 -27.19
C ASP D 94 -14.07 -24.61 -27.56
N PRO D 95 -14.91 -24.96 -26.58
CA PRO D 95 -16.26 -25.38 -26.97
C PRO D 95 -17.13 -24.30 -27.54
N LEU D 96 -16.69 -23.05 -27.61
CA LEU D 96 -17.56 -21.97 -28.07
C LEU D 96 -17.85 -22.07 -29.56
N ASP D 97 -19.07 -21.72 -29.98
CA ASP D 97 -19.38 -21.49 -31.40
C ASP D 97 -18.32 -20.66 -32.07
N GLY D 98 -18.12 -20.92 -33.37
CA GLY D 98 -17.11 -20.24 -34.17
C GLY D 98 -17.43 -18.78 -34.38
N THR D 99 -18.70 -18.43 -34.22
CA THR D 99 -19.11 -17.02 -34.33
C THR D 99 -18.89 -16.21 -33.02
N ALA D 100 -18.91 -16.87 -31.87
CA ALA D 100 -18.93 -16.20 -30.55
C ALA D 100 -17.88 -15.10 -30.28
N LEU D 101 -16.68 -15.25 -30.80
CA LEU D 101 -15.64 -14.30 -30.56
C LEU D 101 -15.41 -13.31 -31.70
N GLN D 102 -16.12 -13.48 -32.82
CA GLN D 102 -15.93 -12.59 -33.97
C GLN D 102 -16.06 -11.14 -33.58
N GLY D 103 -15.02 -10.38 -33.91
CA GLY D 103 -15.01 -8.95 -33.67
C GLY D 103 -14.85 -8.60 -32.20
N ARG D 104 -14.35 -9.52 -31.38
CA ARG D 104 -14.10 -9.19 -29.99
C ARG D 104 -12.65 -9.26 -29.73
N THR D 105 -12.22 -8.61 -28.66
CA THR D 105 -10.82 -8.65 -28.28
C THR D 105 -10.75 -9.44 -27.02
N LEU D 106 -9.91 -10.45 -27.06
CA LEU D 106 -9.74 -11.39 -25.96
C LEU D 106 -8.40 -11.12 -25.33
N VAL D 107 -8.40 -10.84 -24.05
CA VAL D 107 -7.15 -10.57 -23.30
C VAL D 107 -6.94 -11.67 -22.25
N ASN D 108 -5.87 -12.41 -22.40
CA ASN D 108 -5.70 -13.62 -21.60
C ASN D 108 -4.57 -13.45 -20.63
N LEU D 109 -4.93 -13.14 -19.40
CA LEU D 109 -3.94 -12.80 -18.38
C LEU D 109 -3.54 -14.02 -17.53
N THR D 110 -4.01 -15.21 -17.91
CA THR D 110 -3.52 -16.46 -17.38
C THR D 110 -2.05 -16.63 -17.62
N SER D 111 -1.37 -17.16 -16.60
CA SER D 111 0.07 -17.49 -16.71
C SER D 111 0.32 -18.78 -17.46
N GLY D 112 1.29 -18.78 -18.36
CA GLY D 112 1.67 -19.98 -19.10
C GLY D 112 2.95 -19.79 -19.89
N THR D 113 3.28 -20.69 -20.78
CA THR D 113 4.48 -20.52 -21.55
C THR D 113 4.21 -19.73 -22.79
N SER D 114 5.28 -19.24 -23.38
CA SER D 114 5.22 -18.58 -24.64
C SER D 114 4.55 -19.46 -25.70
N ALA D 115 4.78 -20.77 -25.67
CA ALA D 115 4.19 -21.63 -26.70
C ALA D 115 2.71 -21.66 -26.52
N GLN D 116 2.28 -21.62 -25.26
CA GLN D 116 0.85 -21.65 -25.02
C GLN D 116 0.20 -20.33 -25.51
N ALA D 117 0.94 -19.23 -25.37
CA ALA D 117 0.45 -17.95 -25.78
C ALA D 117 0.36 -17.89 -27.31
N ARG D 118 1.40 -18.39 -27.95
CA ARG D 118 1.41 -18.34 -29.40
C ARG D 118 0.34 -19.25 -30.00
N GLU D 119 0.02 -20.35 -29.35
CA GLU D 119 -1.08 -21.22 -29.80
C GLU D 119 -2.41 -20.52 -29.70
N ARG D 120 -2.67 -19.87 -28.56
CA ARG D 120 -3.93 -19.18 -28.40
C ARG D 120 -4.09 -18.03 -29.37
N ALA D 121 -3.00 -17.29 -29.59
CA ALA D 121 -3.01 -16.28 -30.64
C ALA D 121 -3.43 -16.86 -31.99
N ALA D 122 -2.82 -17.97 -32.43
CA ALA D 122 -3.29 -18.61 -33.68
C ALA D 122 -4.79 -18.99 -33.62
N TRP D 123 -5.20 -19.55 -32.49
CA TRP D 123 -6.57 -20.00 -32.31
C TRP D 123 -7.54 -18.85 -32.34
N ALA D 124 -7.22 -17.83 -31.60
CA ALA D 124 -8.04 -16.65 -31.58
C ALA D 124 -8.16 -16.03 -32.98
N ASP D 125 -7.05 -15.95 -33.69
CA ASP D 125 -7.16 -15.45 -35.01
C ASP D 125 -8.12 -16.29 -35.90
N GLY D 126 -8.00 -17.61 -35.84
CA GLY D 126 -8.90 -18.45 -36.59
C GLY D 126 -10.37 -18.26 -36.19
N ARG D 127 -10.64 -17.81 -34.96
CA ARG D 127 -11.94 -17.56 -34.47
C ARG D 127 -12.39 -16.08 -34.73
N GLY D 128 -11.61 -15.31 -35.51
CA GLY D 128 -11.88 -13.91 -35.80
C GLY D 128 -11.86 -12.92 -34.63
N ALA D 129 -10.95 -13.15 -33.71
CA ALA D 129 -10.82 -12.26 -32.60
C ALA D 129 -9.44 -11.65 -32.60
N ASP D 130 -9.35 -10.46 -32.06
CA ASP D 130 -8.10 -9.90 -31.66
C ASP D 130 -7.70 -10.53 -30.31
N TYR D 131 -6.41 -10.65 -30.08
CA TYR D 131 -5.92 -11.39 -28.94
C TYR D 131 -4.72 -10.69 -28.36
N LEU D 132 -4.79 -10.40 -27.08
CA LEU D 132 -3.61 -10.06 -26.29
C LEU D 132 -3.32 -11.09 -25.26
N ASP D 133 -2.05 -11.41 -25.11
CA ASP D 133 -1.66 -12.35 -24.11
C ASP D 133 -0.92 -11.60 -23.10
N GLY D 134 -1.29 -11.81 -21.85
CA GLY D 134 -0.57 -11.15 -20.75
C GLY D 134 -0.19 -11.97 -19.55
N ALA D 135 0.39 -11.28 -18.59
CA ALA D 135 0.87 -11.88 -17.34
C ALA D 135 0.83 -10.84 -16.21
N ILE D 136 0.46 -11.29 -15.03
CA ILE D 136 0.36 -10.42 -13.86
C ILE D 136 1.49 -10.65 -12.92
N LEU D 137 2.28 -9.64 -12.64
CA LEU D 137 3.41 -9.77 -11.73
C LEU D 137 3.16 -9.05 -10.43
N ALA D 138 2.07 -9.38 -9.78
CA ALA D 138 1.70 -8.68 -8.59
C ALA D 138 0.60 -9.50 -8.01
N GLY D 139 0.25 -9.22 -6.77
CA GLY D 139 -0.79 -10.00 -6.13
C GLY D 139 -2.11 -9.33 -6.43
N PRO D 140 -3.22 -9.99 -6.09
CA PRO D 140 -4.52 -9.42 -6.30
C PRO D 140 -4.71 -8.08 -5.61
N ALA D 141 -4.22 -7.98 -4.38
CA ALA D 141 -4.31 -6.71 -3.67
C ALA D 141 -3.81 -5.52 -4.52
N ALA D 142 -2.75 -5.70 -5.31
CA ALA D 142 -2.15 -4.56 -6.04
C ALA D 142 -2.91 -4.16 -7.28
N ILE D 143 -3.82 -5.00 -7.73
CA ILE D 143 -4.59 -4.67 -8.95
C ILE D 143 -5.34 -3.38 -8.72
N GLY D 144 -5.31 -2.50 -9.72
CA GLY D 144 -5.99 -1.22 -9.64
C GLY D 144 -5.17 -0.18 -8.91
N THR D 145 -3.90 -0.46 -8.63
CA THR D 145 -3.06 0.51 -7.95
C THR D 145 -1.75 0.75 -8.69
N ALA D 146 -0.95 1.69 -8.20
CA ALA D 146 0.34 1.93 -8.84
C ALA D 146 1.31 0.75 -8.64
N ASP D 147 1.03 -0.13 -7.68
CA ASP D 147 1.84 -1.34 -7.47
C ASP D 147 1.62 -2.44 -8.48
N ALA D 148 0.44 -2.50 -9.06
CA ALA D 148 0.14 -3.49 -10.09
C ALA D 148 1.16 -3.42 -11.21
N VAL D 149 1.56 -4.59 -11.66
CA VAL D 149 2.29 -4.75 -12.90
C VAL D 149 1.55 -5.78 -13.74
N VAL D 150 1.17 -5.38 -14.94
CA VAL D 150 0.41 -6.25 -15.83
C VAL D 150 1.00 -6.08 -17.16
N LEU D 151 1.57 -7.15 -17.70
CA LEU D 151 2.26 -7.11 -18.99
C LEU D 151 1.34 -7.59 -20.10
N LEU D 152 1.42 -6.96 -21.25
CA LEU D 152 0.53 -7.30 -22.35
C LEU D 152 1.34 -7.37 -23.62
N SER D 153 1.04 -8.31 -24.50
CA SER D 153 1.76 -8.41 -25.75
C SER D 153 0.81 -8.92 -26.79
N GLY D 154 1.11 -8.58 -28.06
CA GLY D 154 0.08 -8.68 -29.12
C GLY D 154 0.04 -7.46 -30.00
N PRO D 155 -0.77 -7.51 -31.04
CA PRO D 155 -0.67 -6.41 -31.98
C PRO D 155 -1.30 -5.12 -31.43
N ARG D 156 -0.74 -3.97 -31.80
CA ARG D 156 -1.31 -2.68 -31.42
C ARG D 156 -2.78 -2.58 -31.75
N SER D 157 -3.18 -3.11 -32.89
CA SER D 157 -4.60 -3.11 -33.22
C SER D 157 -5.49 -3.73 -32.18
N ALA D 158 -4.95 -4.65 -31.40
CA ALA D 158 -5.72 -5.30 -30.35
C ALA D 158 -5.62 -4.52 -29.04
N PHE D 159 -4.51 -3.80 -28.85
CA PHE D 159 -4.33 -3.10 -27.59
C PHE D 159 -4.85 -1.67 -27.58
N ASP D 160 -4.44 -0.87 -28.56
CA ASP D 160 -4.82 0.54 -28.64
C ASP D 160 -6.34 0.80 -28.41
N PRO D 161 -7.23 0.13 -29.12
CA PRO D 161 -8.62 0.42 -28.91
C PRO D 161 -9.10 0.23 -27.46
N HIS D 162 -8.37 -0.52 -26.61
CA HIS D 162 -8.74 -0.76 -25.23
C HIS D 162 -7.73 -0.33 -24.24
N ALA D 163 -6.82 0.52 -24.70
CA ALA D 163 -5.77 0.99 -23.82
C ALA D 163 -6.37 1.60 -22.52
N SER D 164 -7.36 2.48 -22.64
CA SER D 164 -7.90 3.14 -21.47
C SER D 164 -8.48 2.12 -20.54
N ALA D 165 -9.37 1.29 -21.06
CA ALA D 165 -9.99 0.26 -20.22
C ALA D 165 -8.96 -0.56 -19.43
N LEU D 166 -7.93 -1.02 -20.13
CA LEU D 166 -6.93 -1.85 -19.53
C LEU D 166 -6.07 -1.10 -18.54
N GLY D 167 -5.90 0.20 -18.73
CA GLY D 167 -5.12 1.02 -17.80
C GLY D 167 -5.78 1.09 -16.43
N GLY D 168 -7.09 0.85 -16.40
CA GLY D 168 -7.82 0.65 -15.16
C GLY D 168 -7.25 -0.37 -14.17
N LEU D 169 -6.40 -1.30 -14.63
CA LEU D 169 -5.77 -2.25 -13.80
C LEU D 169 -4.55 -1.72 -13.08
N GLY D 170 -4.14 -0.50 -13.39
CA GLY D 170 -2.99 0.04 -12.72
C GLY D 170 -2.06 0.77 -13.66
N ALA D 171 -1.28 1.69 -13.11
CA ALA D 171 -0.37 2.46 -13.93
C ALA D 171 0.76 1.54 -14.39
N GLY D 172 0.98 0.45 -13.68
CA GLY D 172 2.00 -0.49 -14.09
C GLY D 172 1.63 -1.35 -15.30
N THR D 173 0.39 -1.21 -15.79
CA THR D 173 -0.06 -1.88 -17.01
C THR D 173 0.75 -1.44 -18.23
N THR D 174 1.46 -2.36 -18.87
CA THR D 174 2.40 -2.02 -19.86
C THR D 174 2.36 -2.97 -21.08
N TYR D 175 2.41 -2.34 -22.25
CA TYR D 175 2.33 -3.00 -23.53
C TYR D 175 3.71 -3.22 -23.98
N LEU D 176 4.06 -4.46 -24.25
CA LEU D 176 5.46 -4.86 -24.46
C LEU D 176 5.85 -4.95 -25.89
N GLY D 177 4.88 -5.13 -26.78
CA GLY D 177 5.16 -5.36 -28.19
C GLY D 177 4.28 -6.37 -28.88
N ALA D 178 4.61 -6.66 -30.14
CA ALA D 178 3.70 -7.40 -31.04
C ALA D 178 3.61 -8.89 -30.81
N ASP D 179 4.74 -9.53 -30.56
CA ASP D 179 4.81 -10.96 -30.40
C ASP D 179 4.04 -11.36 -29.14
N HIS D 180 3.06 -12.25 -29.31
CA HIS D 180 2.26 -12.66 -28.20
C HIS D 180 3.05 -13.40 -27.14
N GLY D 181 4.22 -13.86 -27.46
CA GLY D 181 4.96 -14.61 -26.47
C GLY D 181 5.68 -13.79 -25.42
N LEU D 182 5.78 -12.49 -25.63
CA LEU D 182 6.64 -11.68 -24.80
C LEU D 182 6.23 -11.63 -23.34
N ALA D 183 4.95 -11.48 -23.06
CA ALA D 183 4.56 -11.36 -21.66
C ALA D 183 5.02 -12.61 -20.87
N SER D 184 4.93 -13.80 -21.46
CA SER D 184 5.38 -15.07 -20.82
C SER D 184 6.86 -15.07 -20.58
N LEU D 185 7.62 -14.61 -21.54
CA LEU D 185 9.05 -14.48 -21.41
C LEU D 185 9.49 -13.47 -20.38
N TYR D 186 8.84 -12.33 -20.31
CA TYR D 186 9.15 -11.32 -19.26
C TYR D 186 8.82 -11.86 -17.88
N ASP D 187 7.71 -12.58 -17.78
CA ASP D 187 7.28 -13.19 -16.55
C ASP D 187 8.34 -14.20 -16.14
N ALA D 188 8.79 -15.03 -17.07
CA ALA D 188 9.82 -16.01 -16.74
C ALA D 188 11.10 -15.31 -16.25
N ALA D 189 11.53 -14.25 -16.93
CA ALA D 189 12.76 -13.57 -16.49
C ALA D 189 12.60 -13.05 -15.06
N GLY D 190 11.43 -12.47 -14.77
CA GLY D 190 11.14 -11.91 -13.47
C GLY D 190 11.09 -12.97 -12.42
N LEU D 191 10.45 -14.09 -12.69
CA LEU D 191 10.41 -15.22 -11.78
C LEU D 191 11.77 -15.86 -11.49
N VAL D 192 12.56 -16.09 -12.50
CA VAL D 192 13.85 -16.73 -12.25
C VAL D 192 14.74 -15.79 -11.42
N MET D 193 14.58 -14.48 -11.59
CA MET D 193 15.36 -13.51 -10.83
C MET D 193 14.88 -13.52 -9.40
N MET D 194 13.58 -13.68 -9.26
CA MET D 194 13.00 -13.64 -7.94
C MET D 194 13.53 -14.83 -7.14
N TRP D 195 13.34 -16.06 -7.65
CA TRP D 195 13.81 -17.25 -6.97
C TRP D 195 15.30 -17.17 -6.76
N SER D 196 16.01 -16.58 -7.69
CA SER D 196 17.42 -16.44 -7.57
C SER D 196 17.81 -15.64 -6.32
N ILE D 197 17.07 -14.56 -6.08
CA ILE D 197 17.38 -13.65 -4.99
C ILE D 197 17.00 -14.26 -3.67
N LEU D 198 15.86 -14.91 -3.64
CA LEU D 198 15.42 -15.52 -2.40
C LEU D 198 16.39 -16.61 -2.02
N ASN D 199 16.82 -17.40 -3.00
CA ASN D 199 17.75 -18.46 -2.72
C ASN D 199 19.12 -17.95 -2.27
N GLY D 200 19.61 -16.89 -2.88
CA GLY D 200 20.82 -16.24 -2.40
C GLY D 200 20.67 -15.69 -0.98
N PHE D 201 19.51 -15.16 -0.67
CA PHE D 201 19.23 -14.69 0.66
C PHE D 201 19.28 -15.85 1.65
N LEU D 202 18.62 -16.95 1.34
CA LEU D 202 18.58 -18.12 2.25
C LEU D 202 19.95 -18.76 2.48
N GLN D 203 20.74 -18.87 1.43
CA GLN D 203 22.10 -19.33 1.56
C GLN D 203 22.88 -18.43 2.55
N GLY D 204 22.71 -17.11 2.44
CA GLY D 204 23.42 -16.17 3.28
C GLY D 204 22.92 -16.29 4.69
N ALA D 205 21.62 -16.40 4.87
CA ALA D 205 21.07 -16.51 6.21
C ALA D 205 21.60 -17.79 6.87
N ALA D 206 21.68 -18.88 6.14
CA ALA D 206 22.19 -20.12 6.70
C ALA D 206 23.66 -19.98 7.12
N LEU D 207 24.46 -19.35 6.28
CA LEU D 207 25.87 -19.16 6.59
C LEU D 207 26.03 -18.35 7.86
N LEU D 208 25.42 -17.17 7.90
CA LEU D 208 25.51 -16.28 9.07
C LEU D 208 24.83 -16.87 10.30
N GLY D 209 23.81 -17.68 10.08
CA GLY D 209 23.21 -18.37 11.19
C GLY D 209 24.19 -19.24 11.94
N THR D 210 25.23 -19.76 11.29
CA THR D 210 26.14 -20.70 11.96
C THR D 210 26.87 -20.00 13.10
N ALA D 211 27.00 -18.68 12.98
CA ALA D 211 27.66 -17.89 14.02
C ALA D 211 26.63 -17.17 14.89
N GLY D 212 25.38 -17.59 14.87
CA GLY D 212 24.37 -16.98 15.68
C GLY D 212 23.93 -15.58 15.25
N VAL D 213 24.37 -15.05 14.10
CA VAL D 213 23.71 -13.82 13.65
C VAL D 213 22.31 -14.07 13.08
N ASP D 214 21.33 -13.31 13.57
CA ASP D 214 19.93 -13.39 13.17
C ASP D 214 19.70 -12.88 11.77
N ALA D 215 18.65 -13.44 11.14
CA ALA D 215 18.27 -13.03 9.79
C ALA D 215 17.92 -11.55 9.74
N THR D 216 17.24 -11.03 10.77
CA THR D 216 16.87 -9.59 10.76
C THR D 216 18.07 -8.68 10.89
N THR D 217 19.18 -9.17 11.43
CA THR D 217 20.38 -8.35 11.53
C THR D 217 21.05 -8.24 10.19
N PHE D 218 20.95 -9.35 9.47
CA PHE D 218 21.61 -9.57 8.17
C PHE D 218 20.92 -8.75 7.05
N ALA D 219 19.58 -8.76 7.07
CA ALA D 219 18.75 -8.20 5.95
C ALA D 219 19.13 -6.80 5.46
N PRO D 220 19.31 -5.86 6.38
CA PRO D 220 19.70 -4.51 5.91
C PRO D 220 20.97 -4.57 5.13
N PHE D 221 21.89 -5.40 5.58
CA PHE D 221 23.22 -5.45 4.92
C PHE D 221 23.01 -5.99 3.51
N ILE D 222 22.19 -7.04 3.40
CA ILE D 222 22.06 -7.69 2.12
C ILE D 222 21.23 -6.84 1.12
N THR D 223 20.20 -6.15 1.59
CA THR D 223 19.48 -5.24 0.70
C THR D 223 20.35 -4.08 0.20
N GLN D 224 21.27 -3.54 1.00
CA GLN D 224 22.16 -2.51 0.42
C GLN D 224 22.90 -3.14 -0.75
N GLY D 225 23.34 -4.38 -0.60
CA GLY D 225 24.23 -5.01 -1.61
C GLY D 225 23.51 -5.30 -2.91
N ILE D 226 22.27 -5.76 -2.76
CA ILE D 226 21.40 -5.96 -3.89
C ILE D 226 21.30 -4.68 -4.73
N GLY D 227 21.08 -3.56 -4.08
CA GLY D 227 21.03 -2.28 -4.81
C GLY D 227 22.31 -2.02 -5.58
N THR D 228 23.44 -2.30 -4.96
CA THR D 228 24.69 -2.04 -5.67
C THR D 228 24.82 -2.89 -6.93
N VAL D 229 24.37 -4.15 -6.84
CA VAL D 229 24.54 -5.09 -7.94
C VAL D 229 23.58 -4.78 -9.06
N ALA D 230 22.32 -4.53 -8.70
CA ALA D 230 21.32 -3.98 -9.64
C ALA D 230 21.85 -2.82 -10.50
N ASP D 231 22.61 -1.90 -9.93
CA ASP D 231 23.11 -0.78 -10.73
C ASP D 231 24.10 -1.21 -11.73
N TRP D 232 24.68 -2.39 -11.59
CA TRP D 232 25.60 -2.81 -12.64
C TRP D 232 24.90 -3.29 -13.89
N LEU D 233 23.62 -3.62 -13.78
CA LEU D 233 22.99 -4.40 -14.88
C LEU D 233 22.86 -3.63 -16.22
N PRO D 234 22.54 -2.31 -16.20
CA PRO D 234 22.52 -1.60 -17.47
C PRO D 234 23.79 -1.65 -18.25
N GLY D 235 24.89 -1.53 -17.56
CA GLY D 235 26.19 -1.69 -18.22
C GLY D 235 26.45 -3.08 -18.71
N TYR D 236 26.02 -4.06 -17.94
CA TYR D 236 26.21 -5.45 -18.37
C TYR D 236 25.31 -5.70 -19.59
N ALA D 237 24.15 -5.08 -19.59
CA ALA D 237 23.25 -5.24 -20.72
C ALA D 237 23.92 -4.67 -21.98
N ARG D 238 24.53 -3.46 -21.91
CA ARG D 238 25.25 -2.94 -23.07
C ARG D 238 26.31 -3.91 -23.54
N GLN D 239 27.01 -4.56 -22.64
CA GLN D 239 28.01 -5.53 -23.09
C GLN D 239 27.42 -6.70 -23.82
N ILE D 240 26.32 -7.22 -23.31
CA ILE D 240 25.65 -8.35 -23.94
C ILE D 240 25.12 -7.96 -25.31
N ASP D 241 24.62 -6.74 -25.44
CA ASP D 241 24.07 -6.33 -26.75
C ASP D 241 25.12 -6.16 -27.85
N ASP D 242 26.32 -5.65 -27.54
CA ASP D 242 27.50 -5.89 -28.38
C ASP D 242 27.94 -7.25 -27.95
N GLY D 243 29.01 -7.76 -28.55
CA GLY D 243 29.44 -9.10 -28.15
C GLY D 243 30.72 -8.92 -27.42
N ALA D 244 30.79 -7.83 -26.66
CA ALA D 244 32.05 -7.35 -26.12
C ALA D 244 32.00 -7.39 -24.61
N TYR D 245 32.91 -8.19 -24.03
CA TYR D 245 32.92 -8.46 -22.59
C TYR D 245 34.24 -8.05 -21.90
N PRO D 246 34.56 -6.75 -21.91
CA PRO D 246 35.77 -6.28 -21.28
C PRO D 246 35.83 -6.72 -19.83
N ALA D 247 37.04 -7.01 -19.34
CA ALA D 247 37.23 -7.44 -17.96
C ALA D 247 36.97 -6.33 -16.96
N ASP D 248 37.21 -5.08 -17.35
CA ASP D 248 37.08 -3.92 -16.46
C ASP D 248 37.65 -4.24 -15.03
N ASP D 249 38.86 -4.82 -14.98
CA ASP D 249 39.46 -5.23 -13.67
C ASP D 249 38.78 -6.39 -12.95
N ALA D 250 37.70 -6.96 -13.47
CA ALA D 250 36.95 -8.00 -12.76
C ALA D 250 36.71 -9.22 -13.64
N ALA D 251 37.79 -9.81 -14.14
CA ALA D 251 37.68 -10.91 -15.09
C ALA D 251 37.22 -12.19 -14.42
N ILE D 252 36.64 -13.07 -15.22
CA ILE D 252 36.04 -14.30 -14.72
C ILE D 252 37.04 -15.11 -13.94
N ASP D 253 38.30 -15.11 -14.38
CA ASP D 253 39.39 -15.78 -13.66
C ASP D 253 39.42 -15.33 -12.19
N THR D 254 39.43 -14.01 -11.97
CA THR D 254 39.46 -13.42 -10.62
C THR D 254 38.31 -13.92 -9.73
N HIS D 255 37.11 -14.05 -10.31
CA HIS D 255 35.95 -14.53 -9.56
C HIS D 255 36.22 -15.90 -8.94
N LEU D 256 36.89 -16.73 -9.73
CA LEU D 256 37.08 -18.18 -9.47
C LEU D 256 37.59 -18.62 -8.12
N ALA D 257 38.68 -18.01 -7.70
CA ALA D 257 39.23 -18.28 -6.38
C ALA D 257 38.19 -18.01 -5.29
N THR D 258 37.51 -16.89 -5.41
CA THR D 258 36.47 -16.52 -4.45
C THR D 258 35.29 -17.47 -4.47
N MET D 259 34.93 -17.99 -5.64
CA MET D 259 33.86 -18.98 -5.68
C MET D 259 34.27 -20.25 -4.96
N GLU D 260 35.56 -20.60 -5.01
CA GLU D 260 36.06 -21.86 -4.35
C GLU D 260 35.92 -21.66 -2.85
N HIS D 261 36.37 -20.50 -2.38
CA HIS D 261 36.21 -20.16 -0.97
C HIS D 261 34.76 -20.31 -0.51
N LEU D 262 33.81 -19.77 -1.26
CA LEU D 262 32.41 -19.86 -0.87
C LEU D 262 31.95 -21.30 -0.74
N ILE D 263 32.47 -22.16 -1.62
CA ILE D 263 32.16 -23.57 -1.54
C ILE D 263 32.75 -24.19 -0.30
N HIS D 264 34.03 -23.92 -0.05
CA HIS D 264 34.74 -24.51 1.11
C HIS D 264 34.08 -24.07 2.39
N GLU D 265 33.81 -22.78 2.45
CA GLU D 265 33.09 -22.23 3.57
C GLU D 265 31.79 -23.00 3.85
N SER D 266 31.01 -23.22 2.83
CA SER D 266 29.70 -23.83 3.01
C SER D 266 29.79 -25.28 3.44
N GLU D 267 30.66 -26.03 2.77
CA GLU D 267 30.90 -27.43 3.10
C GLU D 267 31.36 -27.53 4.55
N PHE D 268 32.39 -26.77 4.87
CA PHE D 268 32.94 -26.77 6.21
C PHE D 268 31.97 -26.41 7.32
N LEU D 269 31.05 -25.47 7.12
CA LEU D 269 30.13 -25.13 8.18
C LEU D 269 28.94 -26.06 8.20
N GLY D 270 28.89 -26.98 7.24
CA GLY D 270 27.84 -27.97 7.19
C GLY D 270 26.53 -27.43 6.66
N VAL D 271 26.56 -26.33 5.93
CA VAL D 271 25.34 -25.86 5.31
C VAL D 271 25.38 -26.35 3.87
N ASN D 272 24.27 -26.29 3.21
CA ASN D 272 24.22 -26.68 1.83
C ASN D 272 25.18 -25.95 0.92
N ALA D 273 25.87 -26.69 0.05
CA ALA D 273 26.81 -26.08 -0.89
C ALA D 273 26.43 -26.28 -2.37
N GLU D 274 25.22 -26.76 -2.66
CA GLU D 274 24.85 -26.91 -4.06
C GLU D 274 24.83 -25.61 -4.87
N LEU D 275 24.23 -24.57 -4.31
CA LEU D 275 24.20 -23.31 -5.02
C LEU D 275 25.61 -22.77 -5.33
N PRO D 276 26.51 -22.67 -4.34
CA PRO D 276 27.88 -22.21 -4.66
C PRO D 276 28.62 -23.10 -5.66
N ARG D 277 28.36 -24.40 -5.63
CA ARG D 277 28.94 -25.30 -6.65
C ARG D 277 28.39 -25.01 -8.04
N PHE D 278 27.08 -24.89 -8.14
CA PHE D 278 26.46 -24.46 -9.40
C PHE D 278 27.07 -23.19 -9.97
N ILE D 279 27.19 -22.16 -9.13
CA ILE D 279 27.82 -20.95 -9.54
C ILE D 279 29.22 -21.19 -10.13
N LYS D 280 30.04 -22.01 -9.44
CA LYS D 280 31.43 -22.29 -9.87
C LYS D 280 31.43 -23.13 -11.13
N ALA D 281 30.53 -24.11 -11.20
CA ALA D 281 30.39 -24.87 -12.42
C ALA D 281 30.26 -23.95 -13.65
N LEU D 282 29.33 -22.98 -13.63
CA LEU D 282 29.16 -22.14 -14.81
C LEU D 282 30.41 -21.44 -15.12
N ALA D 283 31.04 -20.86 -14.14
CA ALA D 283 32.27 -20.12 -14.45
C ALA D 283 33.40 -21.03 -15.01
N ASP D 284 33.40 -22.29 -14.62
CA ASP D 284 34.42 -23.20 -15.14
C ASP D 284 34.27 -23.34 -16.65
N ARG D 285 33.04 -23.58 -17.08
CA ARG D 285 32.74 -23.71 -18.50
C ARG D 285 33.20 -22.49 -19.29
N ALA D 286 32.96 -21.30 -18.77
CA ALA D 286 33.39 -20.13 -19.48
C ALA D 286 34.91 -20.12 -19.61
N VAL D 287 35.59 -20.60 -18.56
CA VAL D 287 37.05 -20.55 -18.53
C VAL D 287 37.56 -21.52 -19.58
N ALA D 288 36.94 -22.70 -19.61
CA ALA D 288 37.21 -23.74 -20.59
C ALA D 288 36.92 -23.35 -22.04
N ASP D 289 36.15 -22.31 -22.30
CA ASP D 289 35.93 -21.83 -23.66
C ASP D 289 36.79 -20.62 -23.87
N GLY D 290 37.81 -20.46 -23.03
CA GLY D 290 38.75 -19.38 -23.18
C GLY D 290 38.20 -18.02 -22.87
N HIS D 291 37.12 -17.96 -22.09
CA HIS D 291 36.58 -16.66 -21.70
C HIS D 291 37.07 -16.19 -20.34
N GLY D 292 38.02 -16.93 -19.77
CA GLY D 292 38.63 -16.57 -18.49
C GLY D 292 39.01 -15.09 -18.38
N GLY D 293 39.42 -14.50 -19.49
CA GLY D 293 39.87 -13.12 -19.47
C GLY D 293 38.77 -12.11 -19.60
N SER D 294 37.55 -12.57 -19.88
CA SER D 294 36.44 -11.64 -20.10
C SER D 294 35.71 -11.27 -18.81
N GLY D 295 34.94 -10.20 -18.88
CA GLY D 295 34.00 -9.84 -17.82
C GLY D 295 32.90 -10.89 -17.58
N TYR D 296 32.21 -10.80 -16.45
CA TYR D 296 31.21 -11.80 -16.02
C TYR D 296 30.14 -11.99 -17.11
N PRO D 297 29.76 -10.91 -17.81
CA PRO D 297 28.68 -11.07 -18.79
C PRO D 297 28.97 -12.03 -19.92
N ALA D 298 30.21 -12.41 -20.12
CA ALA D 298 30.51 -13.44 -21.11
C ALA D 298 29.87 -14.76 -20.76
N LEU D 299 29.38 -14.89 -19.54
CA LEU D 299 28.69 -16.09 -19.16
C LEU D 299 27.33 -16.24 -19.84
N ILE D 300 26.84 -15.18 -20.51
CA ILE D 300 25.59 -15.29 -21.26
C ILE D 300 25.68 -16.45 -22.27
N GLU D 301 26.87 -16.76 -22.78
CA GLU D 301 27.05 -17.93 -23.69
C GLU D 301 26.73 -19.27 -23.03
N GLN D 302 26.97 -19.35 -21.74
CA GLN D 302 26.60 -20.53 -20.98
C GLN D 302 25.10 -20.65 -20.81
N PHE D 303 24.44 -19.50 -20.67
CA PHE D 303 22.97 -19.50 -20.53
C PHE D 303 22.19 -19.67 -21.83
N ARG D 304 22.84 -19.41 -22.96
CA ARG D 304 22.29 -19.75 -24.24
C ARG D 304 22.35 -21.20 -24.71
N THR D 305 23.15 -22.07 -24.09
CA THR D 305 23.28 -23.49 -24.49
C THR D 305 22.57 -24.54 -23.63
N HIS D 306 21.60 -25.26 -24.20
CA HIS D 306 21.06 -26.56 -23.65
C HIS D 306 22.11 -27.36 -22.93
#